data_4K79
#
_entry.id   4K79
#
_cell.length_a   56.680
_cell.length_b   68.680
_cell.length_c   99.920
_cell.angle_alpha   90.00
_cell.angle_beta   93.58
_cell.angle_gamma   90.00
#
_symmetry.space_group_name_H-M   'P 1 21 1'
#
loop_
_entity.id
_entity.type
_entity.pdbx_description
1 polymer 'Variable lymphocyte receptor'
2 branched beta-D-galactopyranose-(1-3)-2-acetamido-2-deoxy-alpha-D-galactopyranose
3 water water
#
_entity_poly.entity_id   1
_entity_poly.type   'polypeptide(L)'
_entity_poly.pdbx_seq_one_letter_code
;MACPSQCSCSGTEVNCAGKSLASVPAGIPTTTRVLYLNSNQITKLEPGVFDRLANLRELHLWGNQLVSLPPGVFDNLANL
EKLWLNSNQLTSLPAGLFDRLVNLEHLGLCCMKLTELPSGAFDKLTRLKQLGLDQNQLKSIPDGAFARLPSLTHVWLHTN
PWDCQCTDILYLSGWVAQHSSIVGEGWPWRHSPDSAKCSGTNTPVRAVTEASTSPSKCPG
;
_entity_poly.pdbx_strand_id   A,B,C,D
#
loop_
_chem_comp.id
_chem_comp.type
_chem_comp.name
_chem_comp.formula
A2G D-saccharide, alpha linking 2-acetamido-2-deoxy-alpha-D-galactopyranose 'C8 H15 N O6'
GAL D-saccharide, beta linking beta-D-galactopyranose 'C6 H12 O6'
#
# COMPACT_ATOMS: atom_id res chain seq x y z
N ALA A 2 -8.38 23.14 5.74
CA ALA A 2 -9.31 23.94 4.90
C ALA A 2 -10.35 22.97 4.33
N CYS A 3 -11.52 23.50 4.01
CA CYS A 3 -12.65 22.67 3.64
C CYS A 3 -13.54 23.59 2.82
N PRO A 4 -14.26 23.06 1.82
CA PRO A 4 -15.20 23.98 1.19
C PRO A 4 -16.31 24.24 2.19
N SER A 5 -16.86 25.45 2.19
CA SER A 5 -17.79 25.83 3.24
C SER A 5 -19.05 24.98 3.28
N GLN A 6 -19.42 24.41 2.15
CA GLN A 6 -20.63 23.59 2.09
C GLN A 6 -20.38 22.17 2.69
N CYS A 7 -19.09 21.82 2.89
CA CYS A 7 -18.73 20.41 3.17
C CYS A 7 -18.17 20.18 4.57
N SER A 8 -17.88 18.92 4.88
CA SER A 8 -17.22 18.52 6.11
C SER A 8 -15.94 17.78 5.77
N CYS A 9 -14.87 18.14 6.47
CA CYS A 9 -13.56 17.60 6.24
C CYS A 9 -12.87 17.32 7.56
N SER A 10 -12.18 16.17 7.60
CA SER A 10 -11.18 15.96 8.59
C SER A 10 -10.14 14.99 7.99
N GLY A 11 -8.92 15.05 8.49
CA GLY A 11 -7.84 14.24 7.98
C GLY A 11 -7.76 14.32 6.47
N THR A 12 -7.79 13.20 5.78
CA THR A 12 -7.68 13.27 4.35
C THR A 12 -8.98 12.90 3.61
N GLU A 13 -10.10 13.06 4.31
CA GLU A 13 -11.39 12.78 3.70
C GLU A 13 -12.21 14.04 3.59
N VAL A 14 -12.86 14.24 2.46
CA VAL A 14 -13.71 15.44 2.24
C VAL A 14 -15.08 14.99 1.86
N ASN A 15 -16.07 15.41 2.62
CA ASN A 15 -17.45 14.97 2.42
C ASN A 15 -18.38 16.08 1.92
N CYS A 16 -18.58 16.12 0.61
CA CYS A 16 -19.47 17.08 -0.03
C CYS A 16 -20.74 16.41 -0.55
N ALA A 17 -21.08 15.26 0.04
CA ALA A 17 -22.18 14.44 -0.42
C ALA A 17 -23.52 15.02 -0.07
N GLY A 18 -24.47 14.97 -1.00
CA GLY A 18 -25.85 15.35 -0.68
C GLY A 18 -26.08 16.80 -0.37
N LYS A 19 -25.30 17.68 -0.97
CA LYS A 19 -25.24 19.07 -0.55
C LYS A 19 -25.86 20.00 -1.59
N SER A 20 -26.60 19.42 -2.53
CA SER A 20 -27.20 20.23 -3.55
C SER A 20 -26.15 21.06 -4.28
N LEU A 21 -25.01 20.48 -4.61
CA LEU A 21 -23.96 21.22 -5.33
C LEU A 21 -24.13 21.18 -6.86
N ALA A 22 -24.02 22.34 -7.48
CA ALA A 22 -24.27 22.49 -8.91
C ALA A 22 -22.96 22.46 -9.67
N SER A 23 -21.88 22.62 -8.91
CA SER A 23 -20.52 22.52 -9.46
C SER A 23 -19.52 22.01 -8.39
N VAL A 24 -18.29 21.72 -8.79
CA VAL A 24 -17.31 21.26 -7.82
C VAL A 24 -16.80 22.48 -7.03
N PRO A 25 -16.98 22.47 -5.72
CA PRO A 25 -16.63 23.61 -4.90
C PRO A 25 -15.13 23.89 -4.84
N ALA A 26 -14.79 25.14 -4.52
CA ALA A 26 -13.41 25.56 -4.27
C ALA A 26 -12.96 25.12 -2.87
N GLY A 27 -11.66 24.95 -2.68
CA GLY A 27 -11.13 24.68 -1.34
C GLY A 27 -11.02 23.23 -0.91
N ILE A 28 -11.01 22.31 -1.87
CA ILE A 28 -10.71 20.93 -1.56
C ILE A 28 -9.19 20.85 -1.37
N PRO A 29 -8.73 20.35 -0.20
CA PRO A 29 -7.28 20.37 0.03
C PRO A 29 -6.56 19.43 -0.93
N THR A 30 -5.35 19.82 -1.26
CA THR A 30 -4.47 19.11 -2.15
C THR A 30 -4.12 17.75 -1.59
N THR A 31 -4.20 17.61 -0.26
CA THR A 31 -3.87 16.37 0.43
C THR A 31 -5.04 15.37 0.47
N THR A 32 -6.21 15.76 -0.06
CA THR A 32 -7.39 14.87 -0.06
C THR A 32 -7.12 13.50 -0.73
N ARG A 33 -7.51 12.42 -0.04
CA ARG A 33 -7.37 11.07 -0.57
C ARG A 33 -8.71 10.45 -0.93
N VAL A 34 -9.73 10.82 -0.16
CA VAL A 34 -11.04 10.33 -0.38
C VAL A 34 -12.01 11.52 -0.51
N LEU A 35 -12.64 11.63 -1.68
CA LEU A 35 -13.51 12.76 -2.00
C LEU A 35 -14.92 12.33 -2.36
N TYR A 36 -15.89 12.66 -1.51
CA TYR A 36 -17.30 12.36 -1.76
C TYR A 36 -17.96 13.59 -2.36
N LEU A 37 -18.21 13.53 -3.66
CA LEU A 37 -18.97 14.56 -4.36
C LEU A 37 -20.25 13.93 -4.89
N ASN A 38 -20.63 12.78 -4.34
CA ASN A 38 -21.83 12.07 -4.83
C ASN A 38 -23.15 12.67 -4.38
N SER A 39 -24.25 12.23 -5.00
CA SER A 39 -25.61 12.72 -4.69
C SER A 39 -25.71 14.24 -4.66
N ASN A 40 -25.16 14.87 -5.67
CA ASN A 40 -25.37 16.30 -5.83
C ASN A 40 -26.11 16.56 -7.15
N GLN A 41 -25.97 17.77 -7.68
CA GLN A 41 -26.62 18.11 -8.92
C GLN A 41 -25.57 18.73 -9.85
N ILE A 42 -24.40 18.09 -9.89
CA ILE A 42 -23.29 18.57 -10.72
C ILE A 42 -23.55 18.10 -12.13
N THR A 43 -23.40 18.98 -13.09
CA THR A 43 -23.83 18.73 -14.44
C THR A 43 -22.63 18.69 -15.40
N LYS A 44 -21.51 19.29 -14.98
CA LYS A 44 -20.28 19.20 -15.74
C LYS A 44 -19.06 19.44 -14.85
N LEU A 45 -17.90 19.06 -15.36
CA LEU A 45 -16.65 19.29 -14.69
C LEU A 45 -15.80 20.18 -15.55
N GLU A 46 -15.21 21.17 -14.94
CA GLU A 46 -14.25 22.02 -15.62
C GLU A 46 -13.04 21.19 -16.03
N PRO A 47 -12.52 21.41 -17.25
CA PRO A 47 -11.23 20.77 -17.50
C PRO A 47 -10.22 21.30 -16.47
N GLY A 48 -9.39 20.41 -15.93
CA GLY A 48 -8.40 20.84 -14.92
C GLY A 48 -8.90 20.84 -13.48
N VAL A 49 -10.20 20.57 -13.27
CA VAL A 49 -10.79 20.58 -11.90
C VAL A 49 -10.01 19.71 -10.91
N PHE A 50 -9.45 18.61 -11.39
CA PHE A 50 -8.81 17.66 -10.50
C PHE A 50 -7.32 17.69 -10.65
N ASP A 51 -6.81 18.63 -11.44
CA ASP A 51 -5.40 18.65 -11.78
C ASP A 51 -4.51 18.82 -10.59
N ARG A 52 -5.09 19.49 -9.62
CA ARG A 52 -4.37 19.80 -8.44
C ARG A 52 -4.58 18.68 -7.37
N LEU A 53 -5.51 17.72 -7.58
CA LEU A 53 -5.81 16.71 -6.55
C LEU A 53 -5.12 15.34 -6.71
N ALA A 54 -3.78 15.38 -6.81
CA ALA A 54 -3.02 14.24 -7.25
C ALA A 54 -3.07 13.10 -6.24
N ASN A 55 -3.49 13.39 -5.04
CA ASN A 55 -3.40 12.41 -3.99
C ASN A 55 -4.62 11.51 -3.89
N LEU A 56 -5.63 11.74 -4.71
CA LEU A 56 -6.87 10.95 -4.60
C LEU A 56 -6.66 9.49 -4.78
N ARG A 57 -7.24 8.77 -3.83
CA ARG A 57 -7.36 7.34 -3.92
C ARG A 57 -8.77 6.92 -4.32
N GLU A 58 -9.77 7.61 -3.80
CA GLU A 58 -11.16 7.33 -4.11
C GLU A 58 -11.86 8.59 -4.55
N LEU A 59 -12.58 8.51 -5.68
CA LEU A 59 -13.33 9.66 -6.21
C LEU A 59 -14.75 9.24 -6.38
N HIS A 60 -15.61 9.72 -5.50
CA HIS A 60 -17.02 9.37 -5.59
C HIS A 60 -17.81 10.46 -6.31
N LEU A 61 -18.10 10.22 -7.58
CA LEU A 61 -18.84 11.15 -8.41
C LEU A 61 -20.23 10.63 -8.73
N TRP A 62 -20.63 9.57 -8.08
CA TRP A 62 -21.86 8.93 -8.44
C TRP A 62 -23.11 9.73 -8.03
N GLY A 63 -24.21 9.50 -8.76
CA GLY A 63 -25.51 10.20 -8.56
C GLY A 63 -25.46 11.72 -8.70
N ASN A 64 -24.78 12.19 -9.75
CA ASN A 64 -24.93 13.56 -10.23
C ASN A 64 -25.65 13.56 -11.59
N GLN A 65 -25.46 14.62 -12.39
CA GLN A 65 -26.09 14.65 -13.73
C GLN A 65 -25.08 14.98 -14.81
N LEU A 66 -23.94 14.32 -14.77
CA LEU A 66 -22.94 14.60 -15.75
C LEU A 66 -23.42 14.08 -17.08
N VAL A 67 -23.29 14.91 -18.13
CA VAL A 67 -23.63 14.51 -19.49
C VAL A 67 -22.41 14.27 -20.36
N SER A 68 -21.29 14.89 -20.01
CA SER A 68 -20.00 14.59 -20.62
C SER A 68 -18.82 14.78 -19.62
N LEU A 69 -17.65 14.29 -20.01
CA LEU A 69 -16.48 14.42 -19.20
C LEU A 69 -15.44 14.95 -20.11
N PRO A 70 -14.72 15.99 -19.68
CA PRO A 70 -13.65 16.46 -20.55
C PRO A 70 -12.57 15.40 -20.69
N PRO A 71 -12.00 15.26 -21.90
CA PRO A 71 -10.87 14.38 -22.04
C PRO A 71 -9.73 14.94 -21.19
N GLY A 72 -8.91 14.06 -20.63
CA GLY A 72 -7.80 14.54 -19.80
C GLY A 72 -8.19 14.85 -18.34
N VAL A 73 -9.47 14.77 -18.00
CA VAL A 73 -9.87 15.21 -16.68
C VAL A 73 -9.29 14.39 -15.53
N PHE A 74 -9.07 13.09 -15.75
CA PHE A 74 -8.49 12.23 -14.69
C PHE A 74 -6.96 12.03 -14.80
N ASP A 75 -6.32 12.85 -15.64
CA ASP A 75 -4.96 12.60 -16.06
C ASP A 75 -3.94 12.70 -14.95
N ASN A 76 -4.21 13.53 -13.93
CA ASN A 76 -3.25 13.70 -12.82
C ASN A 76 -3.55 12.74 -11.71
N LEU A 77 -4.58 11.89 -11.86
CA LEU A 77 -4.94 11.04 -10.71
C LEU A 77 -4.20 9.70 -10.74
N ALA A 78 -2.86 9.75 -10.69
CA ALA A 78 -2.07 8.51 -10.84
C ALA A 78 -2.25 7.55 -9.68
N ASN A 79 -2.71 8.04 -8.55
CA ASN A 79 -2.87 7.16 -7.36
C ASN A 79 -4.25 6.62 -7.15
N LEU A 80 -5.14 7.00 -8.07
CA LEU A 80 -6.54 6.67 -7.95
C LEU A 80 -6.76 5.19 -7.99
N GLU A 81 -7.48 4.68 -6.99
CA GLU A 81 -7.76 3.27 -6.82
C GLU A 81 -9.26 2.96 -7.06
N LYS A 82 -10.16 3.88 -6.70
CA LYS A 82 -11.61 3.68 -6.92
C LYS A 82 -12.19 4.90 -7.56
N LEU A 83 -12.86 4.69 -8.68
CA LEU A 83 -13.53 5.76 -9.43
C LEU A 83 -14.99 5.37 -9.62
N TRP A 84 -15.91 6.09 -8.99
CA TRP A 84 -17.33 5.81 -9.05
C TRP A 84 -18.08 6.87 -9.81
N LEU A 85 -18.54 6.49 -11.01
CA LEU A 85 -19.29 7.37 -11.91
C LEU A 85 -20.73 6.94 -12.13
N ASN A 86 -21.15 5.91 -11.38
CA ASN A 86 -22.49 5.37 -11.44
C ASN A 86 -23.55 6.45 -11.41
N SER A 87 -24.66 6.25 -12.12
CA SER A 87 -25.84 7.13 -12.04
C SER A 87 -25.55 8.57 -12.35
N ASN A 88 -24.87 8.78 -13.45
CA ASN A 88 -24.85 10.04 -14.12
C ASN A 88 -25.60 9.90 -15.42
N GLN A 89 -25.37 10.79 -16.38
CA GLN A 89 -26.21 10.76 -17.58
C GLN A 89 -25.30 10.71 -18.78
N LEU A 90 -24.25 9.92 -18.69
CA LEU A 90 -23.27 9.89 -19.75
C LEU A 90 -23.74 8.97 -20.83
N THR A 91 -23.47 9.37 -22.06
CA THR A 91 -23.94 8.63 -23.23
C THR A 91 -22.73 8.12 -23.96
N SER A 92 -21.58 8.72 -23.66
CA SER A 92 -20.35 8.22 -24.21
C SER A 92 -19.19 8.63 -23.32
N LEU A 93 -18.01 8.05 -23.55
CA LEU A 93 -16.81 8.36 -22.77
C LEU A 93 -15.73 8.77 -23.75
N PRO A 94 -15.06 9.90 -23.51
CA PRO A 94 -13.93 10.28 -24.40
C PRO A 94 -12.88 9.20 -24.50
N ALA A 95 -12.22 9.13 -25.64
CA ALA A 95 -11.17 8.13 -25.79
C ALA A 95 -9.95 8.53 -24.93
N GLY A 96 -9.30 7.52 -24.35
CA GLY A 96 -8.16 7.74 -23.43
C GLY A 96 -8.50 8.28 -22.04
N LEU A 97 -9.79 8.39 -21.72
CA LEU A 97 -10.24 8.85 -20.41
C LEU A 97 -9.48 8.24 -19.21
N PHE A 98 -9.25 6.94 -19.25
CA PHE A 98 -8.76 6.24 -18.09
C PHE A 98 -7.28 5.88 -18.19
N ASP A 99 -6.63 6.32 -19.27
CA ASP A 99 -5.29 5.83 -19.61
C ASP A 99 -4.20 6.10 -18.53
N ARG A 100 -4.37 7.15 -17.73
CA ARG A 100 -3.38 7.46 -16.67
C ARG A 100 -3.67 6.73 -15.37
N LEU A 101 -4.78 6.03 -15.29
CA LEU A 101 -5.23 5.47 -14.01
C LEU A 101 -4.71 4.08 -13.83
N VAL A 102 -3.37 3.94 -13.92
CA VAL A 102 -2.69 2.66 -13.99
C VAL A 102 -2.84 1.85 -12.68
N ASN A 103 -3.27 2.53 -11.59
CA ASN A 103 -3.44 1.84 -10.30
C ASN A 103 -4.88 1.60 -9.94
N LEU A 104 -5.82 1.89 -10.85
CA LEU A 104 -7.23 1.80 -10.56
C LEU A 104 -7.63 0.36 -10.35
N GLU A 105 -8.36 0.12 -9.28
CA GLU A 105 -8.79 -1.23 -8.92
C GLU A 105 -10.31 -1.45 -8.98
N HIS A 106 -11.10 -0.38 -8.75
CA HIS A 106 -12.58 -0.45 -8.96
C HIS A 106 -13.04 0.69 -9.86
N LEU A 107 -13.82 0.38 -10.88
CA LEU A 107 -14.37 1.37 -11.76
C LEU A 107 -15.89 1.12 -11.90
N GLY A 108 -16.68 2.09 -11.45
CA GLY A 108 -18.14 2.04 -11.55
C GLY A 108 -18.64 2.90 -12.68
N LEU A 109 -19.25 2.27 -13.67
CA LEU A 109 -19.86 2.98 -14.80
C LEU A 109 -21.34 2.57 -15.03
N CYS A 110 -22.06 2.09 -14.00
CA CYS A 110 -23.40 1.56 -14.22
C CYS A 110 -24.41 2.66 -14.36
N CYS A 111 -25.61 2.29 -14.82
CA CYS A 111 -26.76 3.12 -14.49
C CYS A 111 -26.68 4.50 -15.14
N MET A 112 -26.11 4.54 -16.34
CA MET A 112 -26.14 5.72 -17.21
C MET A 112 -26.75 5.43 -18.59
N LYS A 113 -26.29 6.14 -19.61
CA LYS A 113 -26.85 5.94 -20.94
C LYS A 113 -25.78 5.68 -21.99
N LEU A 114 -24.74 4.96 -21.59
CA LEU A 114 -23.66 4.66 -22.51
C LEU A 114 -24.21 3.82 -23.64
N THR A 115 -24.01 4.26 -24.87
CA THR A 115 -24.46 3.48 -26.03
C THR A 115 -23.30 2.69 -26.64
N GLU A 116 -22.06 2.98 -26.20
CA GLU A 116 -20.89 2.24 -26.70
C GLU A 116 -19.73 2.45 -25.72
N LEU A 117 -18.66 1.68 -25.87
CA LEU A 117 -17.41 1.99 -25.19
C LEU A 117 -16.41 2.31 -26.31
N PRO A 118 -15.46 3.24 -26.05
CA PRO A 118 -14.36 3.51 -26.99
C PRO A 118 -13.47 2.28 -27.09
N SER A 119 -12.84 2.08 -28.24
CA SER A 119 -12.10 0.82 -28.46
C SER A 119 -11.05 0.49 -27.36
N GLY A 120 -10.03 1.34 -27.17
CA GLY A 120 -8.98 1.03 -26.16
C GLY A 120 -9.27 1.51 -24.74
N ALA A 121 -10.55 1.68 -24.38
CA ALA A 121 -10.91 2.34 -23.12
C ALA A 121 -10.18 1.80 -21.88
N PHE A 122 -10.05 0.50 -21.76
CA PHE A 122 -9.56 -0.13 -20.53
C PHE A 122 -8.15 -0.68 -20.72
N ASP A 123 -7.50 -0.31 -21.81
CA ASP A 123 -6.25 -0.93 -22.19
C ASP A 123 -5.12 -0.78 -21.17
N LYS A 124 -5.17 0.29 -20.39
CA LYS A 124 -4.10 0.62 -19.47
C LYS A 124 -4.38 0.17 -18.05
N LEU A 125 -5.53 -0.47 -17.83
CA LEU A 125 -6.02 -0.66 -16.44
C LEU A 125 -5.58 -2.01 -15.87
N THR A 126 -4.27 -2.17 -15.82
CA THR A 126 -3.63 -3.46 -15.47
C THR A 126 -4.07 -4.08 -14.13
N ARG A 127 -4.39 -3.22 -13.18
CA ARG A 127 -4.77 -3.65 -11.86
C ARG A 127 -6.22 -3.62 -11.66
N LEU A 128 -7.02 -3.37 -12.71
CA LEU A 128 -8.47 -3.28 -12.50
C LEU A 128 -9.02 -4.60 -12.03
N LYS A 129 -9.72 -4.61 -10.91
CA LYS A 129 -10.29 -5.83 -10.38
C LYS A 129 -11.79 -5.92 -10.56
N GLN A 130 -12.45 -4.78 -10.43
CA GLN A 130 -13.91 -4.69 -10.44
C GLN A 130 -14.42 -3.64 -11.42
N LEU A 131 -15.26 -4.05 -12.37
CA LEU A 131 -15.75 -3.17 -13.43
C LEU A 131 -17.25 -3.30 -13.60
N GLY A 132 -17.97 -2.19 -13.31
CA GLY A 132 -19.45 -2.15 -13.39
C GLY A 132 -19.90 -1.47 -14.64
N LEU A 133 -20.53 -2.24 -15.53
CA LEU A 133 -21.10 -1.72 -16.80
C LEU A 133 -22.60 -1.96 -16.95
N ASP A 134 -23.21 -2.46 -15.89
CA ASP A 134 -24.61 -2.81 -15.90
C ASP A 134 -25.49 -1.58 -16.01
N GLN A 135 -26.72 -1.77 -16.53
CA GLN A 135 -27.76 -0.73 -16.57
C GLN A 135 -27.40 0.47 -17.45
N ASN A 136 -26.95 0.18 -18.66
CA ASN A 136 -26.72 1.17 -19.67
C ASN A 136 -27.51 0.88 -20.95
N GLN A 137 -27.07 1.44 -22.06
CA GLN A 137 -27.73 1.16 -23.34
C GLN A 137 -26.76 0.47 -24.28
N LEU A 138 -26.01 -0.50 -23.77
CA LEU A 138 -24.96 -1.13 -24.59
C LEU A 138 -25.52 -2.29 -25.42
N LYS A 139 -25.14 -2.32 -26.70
CA LYS A 139 -25.58 -3.36 -27.61
C LYS A 139 -24.49 -4.34 -27.92
N SER A 140 -23.22 -3.90 -27.83
CA SER A 140 -22.07 -4.79 -27.93
C SER A 140 -20.85 -4.17 -27.27
N ILE A 141 -19.78 -4.96 -27.19
CA ILE A 141 -18.55 -4.52 -26.61
C ILE A 141 -17.55 -4.68 -27.72
N PRO A 142 -16.71 -3.65 -27.95
CA PRO A 142 -15.67 -3.75 -28.97
C PRO A 142 -14.72 -4.95 -28.81
N ASP A 143 -14.33 -5.49 -29.95
CA ASP A 143 -13.45 -6.60 -30.03
C ASP A 143 -12.18 -6.30 -29.20
N GLY A 144 -11.80 -7.24 -28.33
CA GLY A 144 -10.59 -7.06 -27.55
C GLY A 144 -10.72 -6.13 -26.35
N ALA A 145 -11.91 -5.65 -26.06
CA ALA A 145 -12.01 -4.58 -25.05
C ALA A 145 -11.52 -5.00 -23.65
N PHE A 146 -11.67 -6.29 -23.32
CA PHE A 146 -11.27 -6.75 -22.01
C PHE A 146 -9.96 -7.50 -22.03
N ALA A 147 -9.32 -7.57 -23.19
CA ALA A 147 -8.11 -8.36 -23.31
C ALA A 147 -6.94 -7.87 -22.40
N ARG A 148 -6.83 -6.57 -22.16
CA ARG A 148 -5.77 -6.04 -21.28
C ARG A 148 -6.24 -5.78 -19.84
N LEU A 149 -7.12 -6.62 -19.29
CA LEU A 149 -7.56 -6.50 -17.90
C LEU A 149 -7.19 -7.77 -17.20
N PRO A 150 -5.90 -8.05 -17.08
CA PRO A 150 -5.45 -9.28 -16.44
C PRO A 150 -5.85 -9.44 -14.96
N SER A 151 -6.17 -8.36 -14.25
CA SER A 151 -6.51 -8.49 -12.81
C SER A 151 -8.02 -8.62 -12.56
N LEU A 152 -8.79 -8.68 -13.61
CA LEU A 152 -10.23 -8.47 -13.43
C LEU A 152 -10.90 -9.64 -12.75
N THR A 153 -11.60 -9.45 -11.63
CA THR A 153 -12.15 -10.61 -10.90
C THR A 153 -13.67 -10.50 -10.74
N HIS A 154 -14.23 -9.38 -11.10
CA HIS A 154 -15.67 -9.10 -10.91
C HIS A 154 -16.14 -8.14 -11.98
N VAL A 155 -17.16 -8.55 -12.73
CA VAL A 155 -17.76 -7.68 -13.69
C VAL A 155 -19.27 -7.76 -13.68
N TRP A 156 -19.88 -6.63 -14.04
CA TRP A 156 -21.32 -6.45 -14.11
C TRP A 156 -21.68 -5.98 -15.51
N LEU A 157 -22.57 -6.74 -16.13
CA LEU A 157 -22.98 -6.50 -17.52
C LEU A 157 -24.49 -6.58 -17.74
N HIS A 158 -25.25 -6.96 -16.70
CA HIS A 158 -26.67 -7.10 -16.86
C HIS A 158 -27.39 -5.77 -17.21
N THR A 159 -28.66 -5.86 -17.64
CA THR A 159 -29.53 -4.71 -17.91
C THR A 159 -28.97 -3.83 -18.97
N ASN A 160 -28.56 -4.46 -20.05
CA ASN A 160 -28.12 -3.80 -21.23
C ASN A 160 -28.84 -4.48 -22.41
N PRO A 161 -29.25 -3.73 -23.42
CA PRO A 161 -29.96 -4.32 -24.56
C PRO A 161 -28.96 -4.96 -25.55
N TRP A 162 -28.28 -6.03 -25.13
CA TRP A 162 -27.30 -6.65 -25.97
C TRP A 162 -28.00 -7.08 -27.27
N ASP A 163 -27.44 -6.65 -28.40
CA ASP A 163 -27.91 -7.06 -29.72
C ASP A 163 -27.27 -8.39 -30.20
N CYS A 164 -27.87 -9.49 -29.79
CA CYS A 164 -27.36 -10.80 -30.12
C CYS A 164 -27.54 -11.28 -31.58
N GLN A 165 -28.33 -10.55 -32.37
CA GLN A 165 -28.53 -10.99 -33.73
C GLN A 165 -27.36 -10.56 -34.58
N CYS A 166 -26.62 -9.56 -34.09
CA CYS A 166 -25.51 -9.00 -34.86
C CYS A 166 -24.17 -9.68 -34.54
N THR A 167 -23.41 -10.07 -35.57
CA THR A 167 -22.06 -10.64 -35.42
C THR A 167 -21.13 -9.94 -34.38
N ASP A 168 -21.25 -8.62 -34.25
CA ASP A 168 -20.44 -7.87 -33.25
C ASP A 168 -20.54 -8.35 -31.81
N ILE A 169 -21.61 -9.08 -31.47
CA ILE A 169 -21.81 -9.59 -30.13
C ILE A 169 -20.84 -10.71 -29.79
N LEU A 170 -20.20 -11.25 -30.82
CA LEU A 170 -19.49 -12.54 -30.64
C LEU A 170 -18.23 -12.45 -29.74
N TYR A 171 -17.51 -11.33 -29.82
CA TYR A 171 -16.49 -11.10 -28.81
C TYR A 171 -17.09 -11.30 -27.40
N LEU A 172 -18.16 -10.56 -27.10
CA LEU A 172 -18.65 -10.53 -25.75
C LEU A 172 -19.19 -11.86 -25.31
N SER A 173 -19.90 -12.53 -26.22
CA SER A 173 -20.53 -13.77 -25.87
C SER A 173 -19.46 -14.80 -25.60
N GLY A 174 -18.44 -14.86 -26.45
CA GLY A 174 -17.32 -15.78 -26.25
C GLY A 174 -16.55 -15.43 -24.95
N TRP A 175 -16.39 -14.13 -24.68
CA TRP A 175 -15.74 -13.66 -23.43
C TRP A 175 -16.52 -14.07 -22.16
N VAL A 176 -17.84 -13.92 -22.17
CA VAL A 176 -18.63 -14.18 -20.98
C VAL A 176 -18.61 -15.66 -20.71
N ALA A 177 -18.64 -16.48 -21.77
CA ALA A 177 -18.62 -17.94 -21.61
C ALA A 177 -17.34 -18.34 -20.92
N GLN A 178 -16.25 -17.80 -21.41
CA GLN A 178 -14.92 -18.14 -20.89
C GLN A 178 -14.66 -17.62 -19.48
N HIS A 179 -15.16 -16.44 -19.16
CA HIS A 179 -14.90 -15.73 -17.89
C HIS A 179 -16.16 -15.64 -17.04
N SER A 180 -16.83 -16.70 -17.19
CA SER A 180 -18.05 -16.92 -16.59
C SER A 180 -18.06 -16.77 -15.05
N SER A 181 -17.00 -17.18 -14.37
CA SER A 181 -16.94 -17.12 -12.90
C SER A 181 -16.86 -15.72 -12.33
N ILE A 182 -16.55 -14.74 -13.16
CA ILE A 182 -16.44 -13.38 -12.67
C ILE A 182 -17.64 -12.48 -12.96
N VAL A 183 -18.65 -13.03 -13.63
CA VAL A 183 -19.84 -12.29 -14.05
C VAL A 183 -20.90 -12.34 -12.99
N GLY A 184 -21.37 -11.15 -12.60
CA GLY A 184 -22.22 -11.05 -11.43
C GLY A 184 -23.16 -9.87 -11.33
N GLU A 185 -23.68 -9.68 -10.12
CA GLU A 185 -24.81 -8.81 -9.87
C GLU A 185 -24.77 -8.45 -8.40
N GLY A 186 -25.35 -7.30 -8.07
CA GLY A 186 -25.52 -6.84 -6.70
C GLY A 186 -24.25 -6.20 -6.11
N TRP A 187 -24.36 -5.78 -4.86
CA TRP A 187 -23.28 -5.13 -4.14
C TRP A 187 -23.29 -5.64 -2.69
N PRO A 188 -22.20 -6.29 -2.26
CA PRO A 188 -21.04 -6.69 -3.05
C PRO A 188 -21.43 -7.69 -4.11
N TRP A 189 -20.52 -7.96 -5.03
CA TRP A 189 -20.75 -8.84 -6.19
C TRP A 189 -21.28 -10.20 -5.74
N ARG A 190 -22.29 -10.71 -6.43
CA ARG A 190 -22.67 -12.11 -6.24
C ARG A 190 -22.60 -12.78 -7.59
N HIS A 191 -22.30 -14.05 -7.60
CA HIS A 191 -22.05 -14.76 -8.88
C HIS A 191 -23.38 -14.88 -9.64
N SER A 192 -23.42 -14.49 -10.93
CA SER A 192 -24.68 -14.53 -11.66
C SER A 192 -24.41 -14.50 -13.16
N PRO A 193 -23.87 -15.62 -13.70
CA PRO A 193 -23.29 -15.64 -15.08
C PRO A 193 -24.29 -15.50 -16.23
N ASP A 194 -25.57 -15.77 -15.95
CA ASP A 194 -26.62 -15.65 -16.96
C ASP A 194 -27.35 -14.30 -16.92
N SER A 195 -26.90 -13.41 -16.03
CA SER A 195 -27.54 -12.13 -15.83
C SER A 195 -27.43 -11.21 -17.05
N ALA A 196 -26.40 -11.41 -17.90
CA ALA A 196 -26.32 -10.66 -19.17
C ALA A 196 -27.16 -11.38 -20.22
N LYS A 197 -28.25 -10.73 -20.63
CA LYS A 197 -29.24 -11.36 -21.52
C LYS A 197 -29.41 -10.63 -22.86
N CYS A 198 -29.60 -11.40 -23.92
CA CYS A 198 -29.93 -10.84 -25.23
C CYS A 198 -31.25 -10.09 -25.17
N SER A 199 -31.34 -8.95 -25.87
CA SER A 199 -32.63 -8.28 -25.94
C SER A 199 -33.65 -9.16 -26.70
N GLY A 200 -34.88 -9.17 -26.24
CA GLY A 200 -35.95 -9.80 -27.00
C GLY A 200 -36.04 -11.31 -26.81
N THR A 201 -34.88 -11.97 -26.77
CA THR A 201 -34.84 -13.43 -26.63
C THR A 201 -34.74 -13.87 -25.17
N ASN A 202 -34.17 -13.01 -24.30
CA ASN A 202 -33.85 -13.36 -22.90
C ASN A 202 -32.94 -14.56 -22.71
N THR A 203 -32.24 -14.83 -23.80
CA THR A 203 -31.23 -15.85 -23.88
C THR A 203 -29.94 -15.24 -23.26
N PRO A 204 -29.32 -15.98 -22.31
CA PRO A 204 -28.03 -15.53 -21.85
C PRO A 204 -27.04 -15.23 -23.01
N VAL A 205 -26.34 -14.11 -22.90
CA VAL A 205 -25.34 -13.75 -23.90
C VAL A 205 -24.26 -14.82 -24.09
N ARG A 206 -23.88 -15.49 -23.02
CA ARG A 206 -22.81 -16.48 -23.12
C ARG A 206 -23.21 -17.73 -23.89
N ALA A 207 -24.54 -17.88 -24.10
CA ALA A 207 -25.12 -18.97 -24.90
C ALA A 207 -25.37 -18.70 -26.40
N VAL A 208 -24.97 -17.54 -26.91
CA VAL A 208 -25.19 -17.20 -28.32
C VAL A 208 -24.31 -18.07 -29.21
N THR A 209 -24.85 -18.50 -30.35
CA THR A 209 -24.05 -19.23 -31.36
C THR A 209 -23.73 -18.35 -32.57
N GLU A 210 -22.63 -18.67 -33.26
CA GLU A 210 -22.22 -17.92 -34.46
C GLU A 210 -23.25 -18.14 -35.55
N ALA A 211 -23.85 -19.33 -35.51
CA ALA A 211 -24.91 -19.71 -36.48
C ALA A 211 -26.17 -18.85 -36.36
N SER A 212 -26.53 -18.45 -35.13
CA SER A 212 -27.69 -17.57 -34.91
C SER A 212 -27.41 -16.10 -35.24
N THR A 213 -26.16 -15.74 -35.49
CA THR A 213 -25.82 -14.34 -35.79
C THR A 213 -25.53 -14.14 -37.27
N SER A 214 -25.68 -12.91 -37.76
CA SER A 214 -25.37 -12.60 -39.15
C SER A 214 -24.84 -11.16 -39.27
N PRO A 215 -23.76 -10.95 -40.07
CA PRO A 215 -23.21 -9.57 -40.29
C PRO A 215 -24.23 -8.58 -40.90
N SER A 216 -25.34 -9.14 -41.40
CA SER A 216 -26.44 -8.37 -41.97
C SER A 216 -27.34 -7.70 -40.91
N LYS A 217 -27.33 -8.20 -39.68
CA LYS A 217 -28.19 -7.64 -38.63
C LYS A 217 -27.54 -6.50 -37.84
N CYS A 218 -26.31 -6.17 -38.27
CA CYS A 218 -25.49 -5.14 -37.64
C CYS A 218 -25.79 -3.81 -38.31
N PRO A 219 -26.37 -2.85 -37.54
CA PRO A 219 -26.66 -1.52 -38.12
C PRO A 219 -25.45 -0.56 -38.01
N ALA B 2 -12.51 -23.16 -4.60
CA ALA B 2 -12.57 -23.20 -3.10
C ALA B 2 -13.35 -21.98 -2.62
N CYS B 3 -14.54 -22.27 -2.04
CA CYS B 3 -15.42 -21.19 -1.57
C CYS B 3 -16.51 -21.86 -0.76
N PRO B 4 -16.93 -21.27 0.37
CA PRO B 4 -18.07 -21.82 1.07
C PRO B 4 -19.27 -21.84 0.18
N SER B 5 -20.09 -22.88 0.31
CA SER B 5 -21.20 -23.12 -0.60
C SER B 5 -22.22 -21.98 -0.61
N GLN B 6 -22.42 -21.40 0.55
CA GLN B 6 -23.39 -20.34 0.77
C GLN B 6 -22.95 -18.98 0.22
N CYS B 7 -21.62 -18.86 0.07
CA CYS B 7 -21.04 -17.60 -0.39
C CYS B 7 -20.72 -17.61 -1.86
N SER B 8 -20.48 -16.40 -2.34
CA SER B 8 -19.90 -16.10 -3.64
C SER B 8 -18.45 -15.74 -3.42
N CYS B 9 -17.57 -16.34 -4.21
CA CYS B 9 -16.13 -15.97 -4.19
C CYS B 9 -15.53 -15.69 -5.59
N SER B 10 -14.74 -14.62 -5.71
CA SER B 10 -13.93 -14.42 -6.90
C SER B 10 -12.77 -13.55 -6.50
N GLY B 11 -11.62 -13.76 -7.14
CA GLY B 11 -10.35 -13.16 -6.73
C GLY B 11 -10.09 -13.38 -5.28
N THR B 12 -9.84 -12.30 -4.54
CA THR B 12 -9.56 -12.43 -3.10
C THR B 12 -10.71 -11.87 -2.21
N GLU B 13 -11.91 -11.75 -2.77
CA GLU B 13 -13.10 -11.27 -2.07
C GLU B 13 -14.09 -12.40 -1.85
N VAL B 14 -14.56 -12.53 -0.62
CA VAL B 14 -15.51 -13.56 -0.27
C VAL B 14 -16.77 -12.95 0.30
N ASN B 15 -17.88 -13.13 -0.38
CA ASN B 15 -19.13 -12.51 0.01
C ASN B 15 -20.06 -13.50 0.66
N CYS B 16 -20.10 -13.51 1.99
CA CYS B 16 -21.04 -14.34 2.75
C CYS B 16 -22.12 -13.47 3.42
N ALA B 17 -22.31 -12.25 2.91
CA ALA B 17 -23.25 -11.30 3.52
C ALA B 17 -24.71 -11.70 3.29
N GLY B 18 -25.58 -11.39 4.25
CA GLY B 18 -27.03 -11.61 4.08
C GLY B 18 -27.45 -13.04 3.72
N LYS B 19 -26.73 -14.05 4.22
CA LYS B 19 -26.99 -15.43 3.83
C LYS B 19 -27.65 -16.23 4.95
N SER B 20 -28.22 -15.54 5.92
CA SER B 20 -28.80 -16.22 7.12
C SER B 20 -27.88 -17.26 7.78
N LEU B 21 -26.61 -16.92 7.97
CA LEU B 21 -25.65 -17.84 8.58
C LEU B 21 -25.73 -17.78 10.09
N ALA B 22 -25.55 -18.91 10.73
CA ALA B 22 -25.55 -18.99 12.19
C ALA B 22 -24.13 -19.17 12.69
N SER B 23 -23.21 -19.51 11.78
CA SER B 23 -21.82 -19.68 12.16
C SER B 23 -20.89 -19.27 11.01
N VAL B 24 -19.59 -19.18 11.26
CA VAL B 24 -18.68 -18.83 10.19
C VAL B 24 -18.45 -20.11 9.37
N PRO B 25 -18.75 -20.07 8.06
CA PRO B 25 -18.60 -21.27 7.20
C PRO B 25 -17.15 -21.69 6.99
N ALA B 26 -16.95 -22.97 6.69
CA ALA B 26 -15.64 -23.51 6.43
C ALA B 26 -15.37 -23.24 4.97
N GLY B 27 -14.10 -23.32 4.57
CA GLY B 27 -13.69 -23.20 3.17
C GLY B 27 -13.42 -21.78 2.69
N ILE B 28 -13.18 -20.86 3.63
CA ILE B 28 -12.83 -19.50 3.23
C ILE B 28 -11.38 -19.59 2.88
N PRO B 29 -11.03 -19.23 1.63
CA PRO B 29 -9.62 -19.41 1.25
C PRO B 29 -8.63 -18.59 2.09
N THR B 30 -7.45 -19.16 2.20
CA THR B 30 -6.32 -18.59 2.87
C THR B 30 -5.87 -17.27 2.25
N THR B 31 -6.16 -17.12 0.97
CA THR B 31 -5.75 -15.94 0.20
C THR B 31 -6.75 -14.77 0.29
N THR B 32 -7.86 -14.98 0.99
CA THR B 32 -8.89 -13.94 1.11
C THR B 32 -8.34 -12.65 1.73
N ARG B 33 -8.60 -11.53 1.05
CA ARG B 33 -8.28 -10.21 1.58
C ARG B 33 -9.49 -9.46 2.09
N VAL B 34 -10.64 -9.62 1.41
CA VAL B 34 -11.88 -8.90 1.80
C VAL B 34 -12.94 -9.89 2.10
N LEU B 35 -13.38 -9.93 3.35
CA LEU B 35 -14.32 -10.99 3.82
C LEU B 35 -15.62 -10.40 4.38
N TYR B 36 -16.68 -10.49 3.60
CA TYR B 36 -17.97 -10.02 4.04
C TYR B 36 -18.72 -11.15 4.77
N LEU B 37 -18.85 -11.05 6.08
CA LEU B 37 -19.75 -11.92 6.89
C LEU B 37 -20.86 -11.14 7.57
N ASN B 38 -21.09 -9.92 7.12
CA ASN B 38 -22.08 -9.06 7.78
C ASN B 38 -23.50 -9.49 7.49
N SER B 39 -24.45 -8.92 8.24
CA SER B 39 -25.88 -9.10 8.03
C SER B 39 -26.31 -10.55 8.02
N ASN B 40 -25.78 -11.34 8.95
CA ASN B 40 -26.18 -12.72 9.15
C ASN B 40 -26.73 -12.92 10.57
N GLN B 41 -26.71 -14.16 11.07
CA GLN B 41 -27.19 -14.43 12.42
C GLN B 41 -26.14 -15.20 13.18
N ILE B 42 -24.90 -14.73 13.05
CA ILE B 42 -23.81 -15.38 13.74
C ILE B 42 -23.84 -14.98 15.23
N THR B 43 -23.78 -15.99 16.09
CA THR B 43 -24.00 -15.76 17.52
C THR B 43 -22.70 -15.85 18.30
N LYS B 44 -21.71 -16.48 17.69
CA LYS B 44 -20.40 -16.62 18.32
C LYS B 44 -19.33 -17.01 17.31
N LEU B 45 -18.08 -16.84 17.71
CA LEU B 45 -16.90 -17.18 16.94
C LEU B 45 -16.18 -18.26 17.70
N GLU B 46 -15.75 -19.29 16.97
CA GLU B 46 -14.81 -20.28 17.50
C GLU B 46 -13.47 -19.64 17.70
N PRO B 47 -12.82 -19.91 18.85
CA PRO B 47 -11.42 -19.50 18.97
C PRO B 47 -10.67 -20.07 17.77
N GLY B 48 -9.77 -19.28 17.19
CA GLY B 48 -9.00 -19.81 16.06
C GLY B 48 -9.66 -19.68 14.71
N VAL B 49 -10.92 -19.27 14.68
CA VAL B 49 -11.67 -19.19 13.42
C VAL B 49 -10.94 -18.41 12.33
N PHE B 50 -10.14 -17.44 12.73
CA PHE B 50 -9.46 -16.56 11.76
C PHE B 50 -7.96 -16.72 11.79
N ASP B 51 -7.46 -17.74 12.48
CA ASP B 51 -6.00 -17.95 12.61
C ASP B 51 -5.31 -18.23 11.28
N ARG B 52 -6.15 -18.70 10.40
CA ARG B 52 -5.61 -19.16 9.16
C ARG B 52 -5.77 -18.02 8.12
N LEU B 53 -6.48 -16.94 8.44
CA LEU B 53 -6.81 -15.95 7.45
C LEU B 53 -5.90 -14.70 7.54
N ALA B 54 -4.59 -14.92 7.48
CA ALA B 54 -3.63 -13.88 7.79
C ALA B 54 -3.58 -12.78 6.72
N ASN B 55 -4.14 -13.05 5.55
CA ASN B 55 -4.09 -12.09 4.46
C ASN B 55 -5.21 -11.07 4.48
N LEU B 56 -6.16 -11.22 5.40
CA LEU B 56 -7.28 -10.24 5.49
C LEU B 56 -6.85 -8.81 5.63
N ARG B 57 -7.52 -7.97 4.85
CA ARG B 57 -7.39 -6.51 4.90
C ARG B 57 -8.65 -5.92 5.45
N GLU B 58 -9.78 -6.53 5.16
CA GLU B 58 -11.07 -6.00 5.62
C GLU B 58 -11.90 -7.15 6.15
N LEU B 59 -12.45 -6.94 7.33
CA LEU B 59 -13.26 -7.98 7.97
C LEU B 59 -14.55 -7.30 8.33
N HIS B 60 -15.60 -7.63 7.60
CA HIS B 60 -16.92 -7.10 7.83
C HIS B 60 -17.80 -8.06 8.63
N LEU B 61 -17.91 -7.80 9.94
CA LEU B 61 -18.70 -8.66 10.81
C LEU B 61 -19.96 -7.92 11.31
N TRP B 62 -20.24 -6.76 10.73
CA TRP B 62 -21.31 -5.97 11.22
C TRP B 62 -22.69 -6.59 10.97
N GLY B 63 -23.62 -6.30 11.89
CA GLY B 63 -25.00 -6.77 11.79
C GLY B 63 -25.15 -8.25 12.00
N ASN B 64 -24.45 -8.78 13.01
CA ASN B 64 -24.63 -10.15 13.46
C ASN B 64 -25.17 -10.16 14.88
N GLN B 65 -25.05 -11.28 15.59
CA GLN B 65 -25.56 -11.39 16.96
C GLN B 65 -24.50 -11.79 17.95
N LEU B 66 -23.27 -11.41 17.68
CA LEU B 66 -22.20 -11.73 18.61
C LEU B 66 -22.41 -11.12 19.99
N VAL B 67 -22.26 -11.96 20.99
CA VAL B 67 -22.45 -11.53 22.36
C VAL B 67 -21.10 -11.45 23.06
N SER B 68 -20.16 -12.29 22.65
CA SER B 68 -18.78 -12.09 23.11
C SER B 68 -17.81 -12.38 21.99
N LEU B 69 -16.53 -12.13 22.26
CA LEU B 69 -15.48 -12.43 21.30
C LEU B 69 -14.42 -13.17 22.09
N PRO B 70 -13.88 -14.29 21.55
CA PRO B 70 -12.77 -14.97 22.24
C PRO B 70 -11.50 -14.10 22.28
N PRO B 71 -10.70 -14.23 23.35
CA PRO B 71 -9.47 -13.46 23.37
C PRO B 71 -8.54 -14.05 22.34
N GLY B 72 -7.73 -13.20 21.73
CA GLY B 72 -6.79 -13.68 20.73
C GLY B 72 -7.39 -13.93 19.36
N VAL B 73 -8.70 -13.75 19.20
CA VAL B 73 -9.39 -14.07 17.95
C VAL B 73 -8.92 -13.29 16.69
N PHE B 74 -8.33 -12.10 16.89
CA PHE B 74 -7.83 -11.30 15.77
C PHE B 74 -6.34 -11.28 15.72
N ASP B 75 -5.74 -12.12 16.55
CA ASP B 75 -4.28 -12.10 16.74
C ASP B 75 -3.43 -12.33 15.51
N ASN B 76 -3.91 -13.14 14.57
CA ASN B 76 -3.12 -13.43 13.36
C ASN B 76 -3.36 -12.43 12.22
N LEU B 77 -4.24 -11.45 12.44
CA LEU B 77 -4.63 -10.57 11.34
C LEU B 77 -3.75 -9.33 11.24
N ALA B 78 -2.46 -9.53 10.99
CA ALA B 78 -1.49 -8.41 11.06
C ALA B 78 -1.67 -7.46 9.93
N ASN B 79 -2.30 -7.89 8.84
CA ASN B 79 -2.52 -6.95 7.68
C ASN B 79 -3.88 -6.27 7.70
N LEU B 80 -4.68 -6.60 8.72
CA LEU B 80 -6.00 -6.01 8.83
C LEU B 80 -5.93 -4.49 8.82
N GLU B 81 -6.68 -3.92 7.89
CA GLU B 81 -6.89 -2.49 7.72
C GLU B 81 -8.28 -1.97 8.14
N LYS B 82 -9.32 -2.80 8.02
CA LYS B 82 -10.67 -2.36 8.37
C LYS B 82 -11.36 -3.48 9.13
N LEU B 83 -11.91 -3.16 10.29
CA LEU B 83 -12.57 -4.14 11.12
C LEU B 83 -13.91 -3.55 11.54
N TRP B 84 -15.00 -4.16 11.06
CA TRP B 84 -16.35 -3.64 11.28
C TRP B 84 -17.16 -4.58 12.11
N LEU B 85 -17.38 -4.21 13.39
CA LEU B 85 -18.12 -5.03 14.34
C LEU B 85 -19.46 -4.42 14.71
N ASN B 86 -19.82 -3.31 14.06
CA ASN B 86 -21.02 -2.56 14.39
C ASN B 86 -22.25 -3.48 14.45
N SER B 87 -23.18 -3.13 15.31
CA SER B 87 -24.50 -3.77 15.36
C SER B 87 -24.42 -5.24 15.64
N ASN B 88 -23.66 -5.54 16.68
CA ASN B 88 -23.65 -6.86 17.23
C ASN B 88 -24.17 -6.70 18.61
N GLN B 89 -24.07 -7.73 19.41
CA GLN B 89 -24.68 -7.64 20.70
C GLN B 89 -23.62 -7.68 21.80
N LEU B 90 -22.41 -7.18 21.59
CA LEU B 90 -21.39 -7.22 22.60
C LEU B 90 -21.67 -6.32 23.82
N THR B 91 -21.36 -6.84 24.99
CA THR B 91 -21.47 -6.11 26.28
C THR B 91 -20.07 -5.72 26.81
N SER B 92 -19.04 -6.35 26.25
CA SER B 92 -17.66 -6.05 26.60
C SER B 92 -16.67 -6.51 25.54
N LEU B 93 -15.41 -6.13 25.70
CA LEU B 93 -14.34 -6.60 24.82
C LEU B 93 -13.19 -7.17 25.69
N PRO B 94 -12.68 -8.39 25.36
CA PRO B 94 -11.51 -8.94 26.05
C PRO B 94 -10.26 -8.08 25.94
N ALA B 95 -9.43 -8.16 26.95
CA ALA B 95 -8.26 -7.35 27.01
C ALA B 95 -7.32 -7.76 25.89
N GLY B 96 -6.72 -6.76 25.23
CA GLY B 96 -5.72 -7.02 24.20
C GLY B 96 -6.32 -7.48 22.89
N LEU B 97 -7.64 -7.37 22.77
CA LEU B 97 -8.34 -7.81 21.57
C LEU B 97 -7.72 -7.28 20.29
N PHE B 98 -7.26 -6.02 20.31
CA PHE B 98 -6.79 -5.32 19.11
C PHE B 98 -5.29 -5.14 19.02
N ASP B 99 -4.56 -5.61 20.03
CA ASP B 99 -3.12 -5.36 20.13
C ASP B 99 -2.25 -5.74 18.93
N ARG B 100 -2.61 -6.79 18.19
CA ARG B 100 -1.82 -7.26 17.02
C ARG B 100 -2.22 -6.54 15.74
N LEU B 101 -3.27 -5.75 15.81
CA LEU B 101 -3.76 -5.13 14.63
C LEU B 101 -3.08 -3.80 14.31
N VAL B 102 -1.77 -3.81 14.14
CA VAL B 102 -1.00 -2.57 14.14
C VAL B 102 -1.20 -1.75 12.87
N ASN B 103 -1.74 -2.35 11.82
CA ASN B 103 -2.01 -1.62 10.59
C ASN B 103 -3.45 -1.15 10.47
N LEU B 104 -4.24 -1.36 11.51
CA LEU B 104 -5.67 -1.05 11.45
C LEU B 104 -5.90 0.43 11.22
N GLU B 105 -6.76 0.74 10.27
CA GLU B 105 -7.09 2.15 9.94
C GLU B 105 -8.55 2.52 10.19
N HIS B 106 -9.46 1.52 10.19
CA HIS B 106 -10.87 1.79 10.51
C HIS B 106 -11.38 0.75 11.49
N LEU B 107 -11.92 1.20 12.62
CA LEU B 107 -12.44 0.25 13.59
C LEU B 107 -13.83 0.70 13.98
N GLY B 108 -14.81 -0.16 13.66
CA GLY B 108 -16.19 0.14 14.01
C GLY B 108 -16.71 -0.73 15.15
N LEU B 109 -17.23 -0.03 16.16
CA LEU B 109 -17.74 -0.67 17.35
C LEU B 109 -19.07 -0.07 17.80
N CYS B 110 -19.91 0.49 16.87
CA CYS B 110 -21.10 1.24 17.28
C CYS B 110 -22.25 0.28 17.56
N CYS B 111 -23.30 0.78 18.19
CA CYS B 111 -24.63 0.17 18.04
C CYS B 111 -24.68 -1.19 18.68
N MET B 112 -24.01 -1.34 19.81
CA MET B 112 -24.05 -2.56 20.58
C MET B 112 -24.36 -2.22 22.03
N LYS B 113 -23.81 -2.99 22.97
CA LYS B 113 -24.20 -2.80 24.36
C LYS B 113 -22.98 -2.68 25.25
N LEU B 114 -21.98 -1.99 24.74
CA LEU B 114 -20.75 -1.86 25.50
C LEU B 114 -20.97 -0.99 26.74
N THR B 115 -20.59 -1.52 27.91
CA THR B 115 -20.69 -0.73 29.14
C THR B 115 -19.37 -0.07 29.51
N GLU B 116 -18.28 -0.52 28.90
CA GLU B 116 -16.96 -0.03 29.28
C GLU B 116 -15.95 -0.42 28.19
N LEU B 117 -14.74 0.11 28.26
CA LEU B 117 -13.66 -0.37 27.39
C LEU B 117 -12.55 -0.84 28.30
N PRO B 118 -11.82 -1.89 27.92
CA PRO B 118 -10.63 -2.25 28.70
C PRO B 118 -9.56 -1.17 28.67
N SER B 119 -8.77 -1.05 29.73
CA SER B 119 -7.92 0.16 29.87
C SER B 119 -6.95 0.42 28.69
N GLY B 120 -6.29 -0.60 28.18
CA GLY B 120 -5.33 -0.29 27.09
C GLY B 120 -5.81 -0.62 25.69
N ALA B 121 -7.13 -0.63 25.50
CA ALA B 121 -7.78 -1.24 24.35
C ALA B 121 -7.19 -0.87 23.03
N PHE B 122 -6.89 0.41 22.86
CA PHE B 122 -6.44 0.96 21.59
C PHE B 122 -4.99 1.34 21.54
N ASP B 123 -4.24 1.00 22.58
CA ASP B 123 -2.86 1.48 22.72
C ASP B 123 -1.89 1.13 21.59
N LYS B 124 -2.15 0.03 20.89
CA LYS B 124 -1.29 -0.40 19.81
C LYS B 124 -1.75 0.11 18.42
N LEU B 125 -2.87 0.83 18.33
CA LEU B 125 -3.49 1.09 17.00
C LEU B 125 -2.98 2.41 16.43
N THR B 126 -1.69 2.35 16.15
CA THR B 126 -1.00 3.57 15.85
C THR B 126 -1.46 4.17 14.52
N ARG B 127 -1.92 3.38 13.60
CA ARG B 127 -2.35 3.88 12.34
C ARG B 127 -3.84 4.12 12.26
N LEU B 128 -4.57 3.91 13.37
CA LEU B 128 -6.01 4.08 13.38
C LEU B 128 -6.41 5.49 12.97
N LYS B 129 -7.24 5.57 11.94
CA LYS B 129 -7.79 6.85 11.49
C LYS B 129 -9.20 7.13 11.92
N GLN B 130 -10.03 6.10 11.89
CA GLN B 130 -11.47 6.26 12.14
C GLN B 130 -11.93 5.26 13.20
N LEU B 131 -12.61 5.77 14.23
CA LEU B 131 -13.08 4.96 15.32
C LEU B 131 -14.54 5.27 15.67
N GLY B 132 -15.39 4.26 15.54
CA GLY B 132 -16.81 4.38 15.83
C GLY B 132 -17.20 3.72 17.15
N LEU B 133 -17.56 4.56 18.14
CA LEU B 133 -18.01 4.11 19.50
C LEU B 133 -19.44 4.52 19.82
N ASP B 134 -20.12 5.13 18.85
CA ASP B 134 -21.46 5.63 19.08
C ASP B 134 -22.48 4.51 19.38
N GLN B 135 -23.58 4.89 20.03
CA GLN B 135 -24.75 4.00 20.24
C GLN B 135 -24.42 2.75 21.04
N ASN B 136 -23.78 2.98 22.16
CA ASN B 136 -23.52 1.90 23.09
C ASN B 136 -24.08 2.33 24.40
N GLN B 137 -23.44 1.78 25.42
CA GLN B 137 -23.92 2.11 26.72
C GLN B 137 -22.77 2.60 27.52
N LEU B 138 -21.87 3.38 26.91
CA LEU B 138 -20.68 3.86 27.61
C LEU B 138 -20.98 5.04 28.54
N LYS B 139 -20.38 4.98 29.74
CA LYS B 139 -20.56 5.99 30.77
C LYS B 139 -19.35 6.90 30.87
N SER B 140 -18.17 6.35 30.51
CA SER B 140 -16.92 7.09 30.48
C SER B 140 -15.92 6.36 29.60
N ILE B 141 -14.86 7.07 29.28
CA ILE B 141 -13.72 6.49 28.63
C ILE B 141 -12.52 6.47 29.62
N PRO B 142 -11.83 5.31 29.75
CA PRO B 142 -10.67 5.23 30.68
C PRO B 142 -9.67 6.37 30.42
N ASP B 143 -9.09 6.87 31.49
CA ASP B 143 -8.10 7.91 31.40
C ASP B 143 -6.98 7.47 30.43
N GLY B 144 -6.60 8.36 29.51
CA GLY B 144 -5.54 8.03 28.57
C GLY B 144 -5.90 7.13 27.37
N ALA B 145 -7.16 6.72 27.25
CA ALA B 145 -7.55 5.68 26.27
C ALA B 145 -7.28 6.04 24.80
N PHE B 146 -7.22 7.33 24.47
CA PHE B 146 -6.96 7.78 23.11
C PHE B 146 -5.60 8.39 22.98
N ALA B 147 -4.78 8.32 24.03
CA ALA B 147 -3.47 8.97 23.96
C ALA B 147 -2.51 8.35 22.93
N ARG B 148 -2.66 7.06 22.64
CA ARG B 148 -1.77 6.41 21.69
C ARG B 148 -2.47 6.16 20.37
N LEU B 149 -3.35 7.08 20.00
CA LEU B 149 -4.01 7.12 18.72
C LEU B 149 -3.63 8.36 17.93
N PRO B 150 -2.33 8.52 17.59
CA PRO B 150 -1.91 9.72 16.89
C PRO B 150 -2.42 9.89 15.47
N SER B 151 -2.91 8.84 14.80
CA SER B 151 -3.33 9.02 13.42
C SER B 151 -4.83 9.28 13.30
N LEU B 152 -5.48 9.49 14.44
CA LEU B 152 -6.93 9.49 14.49
C LEU B 152 -7.53 10.78 13.86
N THR B 153 -8.37 10.70 12.82
CA THR B 153 -8.97 11.88 12.20
C THR B 153 -10.50 11.90 12.29
N HIS B 154 -11.10 10.80 12.74
CA HIS B 154 -12.56 10.69 12.75
C HIS B 154 -13.01 9.81 13.90
N VAL B 155 -13.93 10.34 14.72
CA VAL B 155 -14.45 9.59 15.85
C VAL B 155 -15.93 9.87 16.06
N TRP B 156 -16.65 8.84 16.49
CA TRP B 156 -18.08 8.89 16.76
C TRP B 156 -18.27 8.47 18.19
N LEU B 157 -18.97 9.32 18.93
CA LEU B 157 -19.13 9.17 20.40
C LEU B 157 -20.55 9.36 20.89
N HIS B 158 -21.40 9.87 20.00
CA HIS B 158 -22.79 10.15 20.36
C HIS B 158 -23.61 8.93 20.77
N THR B 159 -24.79 9.19 21.30
CA THR B 159 -25.71 8.18 21.70
C THR B 159 -25.09 7.18 22.70
N ASN B 160 -24.39 7.72 23.69
CA ASN B 160 -23.94 6.94 24.85
C ASN B 160 -24.40 7.70 26.07
N PRO B 161 -24.71 6.98 27.16
CA PRO B 161 -25.17 7.66 28.38
C PRO B 161 -23.97 8.14 29.21
N TRP B 162 -23.20 9.08 28.66
CA TRP B 162 -22.05 9.61 29.37
C TRP B 162 -22.44 10.12 30.75
N ASP B 163 -21.80 9.59 31.79
CA ASP B 163 -22.14 9.94 33.17
C ASP B 163 -21.35 11.16 33.57
N CYS B 164 -21.95 12.32 33.36
CA CYS B 164 -21.26 13.58 33.62
C CYS B 164 -21.19 14.03 35.11
N GLN B 165 -21.86 13.28 35.99
CA GLN B 165 -21.79 13.53 37.43
C GLN B 165 -20.49 13.00 38.00
N CYS B 166 -19.91 12.04 37.30
CA CYS B 166 -18.74 11.37 37.79
C CYS B 166 -17.49 12.00 37.19
N THR B 167 -16.51 12.14 38.05
CA THR B 167 -15.31 12.79 37.65
C THR B 167 -14.49 12.05 36.56
N ASP B 168 -14.73 10.74 36.38
CA ASP B 168 -14.05 9.99 35.34
C ASP B 168 -14.32 10.53 33.97
N ILE B 169 -15.33 11.37 33.81
CA ILE B 169 -15.75 11.88 32.51
C ILE B 169 -14.85 12.97 32.05
N LEU B 170 -14.02 13.48 32.97
CA LEU B 170 -13.16 14.64 32.67
C LEU B 170 -12.05 14.35 31.64
N TYR B 171 -11.49 13.14 31.65
CA TYR B 171 -10.61 12.75 30.55
C TYR B 171 -11.33 12.99 29.22
N LEU B 172 -12.48 12.33 29.07
CA LEU B 172 -13.21 12.45 27.84
C LEU B 172 -13.56 13.92 27.49
N SER B 173 -14.03 14.66 28.48
CA SER B 173 -14.61 15.94 28.20
C SER B 173 -13.48 16.89 27.77
N GLY B 174 -12.36 16.85 28.49
CA GLY B 174 -11.14 17.53 28.06
C GLY B 174 -10.60 17.10 26.70
N TRP B 175 -10.57 15.80 26.43
CA TRP B 175 -10.15 15.32 25.14
C TRP B 175 -11.04 15.86 24.00
N VAL B 176 -12.35 15.80 24.18
CA VAL B 176 -13.26 16.23 23.11
C VAL B 176 -13.08 17.70 22.85
N ALA B 177 -13.05 18.51 23.91
CA ALA B 177 -12.85 19.94 23.80
C ALA B 177 -11.64 20.28 22.96
N GLN B 178 -10.58 19.49 23.09
CA GLN B 178 -9.37 19.71 22.32
C GLN B 178 -9.33 18.98 20.96
N HIS B 179 -10.04 17.86 20.80
CA HIS B 179 -10.03 17.21 19.48
C HIS B 179 -11.35 17.39 18.77
N SER B 180 -11.88 18.59 18.90
CA SER B 180 -13.25 18.83 18.52
C SER B 180 -13.49 18.71 17.02
N SER B 181 -12.46 18.98 16.23
CA SER B 181 -12.61 18.98 14.77
C SER B 181 -12.88 17.58 14.22
N ILE B 182 -12.57 16.55 15.02
CA ILE B 182 -12.65 15.15 14.56
C ILE B 182 -13.88 14.42 15.05
N VAL B 183 -14.66 15.08 15.91
CA VAL B 183 -15.85 14.45 16.49
C VAL B 183 -17.06 14.68 15.61
N GLY B 184 -17.77 13.59 15.31
CA GLY B 184 -18.88 13.69 14.41
C GLY B 184 -19.88 12.57 14.42
N GLU B 185 -20.59 12.48 13.30
CA GLU B 185 -21.85 11.70 13.22
C GLU B 185 -22.06 11.30 11.77
N GLY B 186 -22.80 10.22 11.55
CA GLY B 186 -23.24 9.86 10.20
C GLY B 186 -22.21 9.07 9.40
N TRP B 187 -22.60 8.64 8.22
CA TRP B 187 -21.78 7.75 7.38
C TRP B 187 -21.96 8.19 5.94
N PRO B 188 -20.92 8.78 5.33
CA PRO B 188 -19.60 9.07 5.93
C PRO B 188 -19.72 10.15 7.00
N TRP B 189 -18.67 10.28 7.81
CA TRP B 189 -18.59 11.22 8.92
C TRP B 189 -18.99 12.64 8.53
N ARG B 190 -19.72 13.30 9.41
CA ARG B 190 -19.98 14.73 9.32
C ARG B 190 -19.58 15.38 10.63
N HIS B 191 -19.01 16.56 10.54
CA HIS B 191 -18.53 17.25 11.72
C HIS B 191 -19.66 17.44 12.73
N SER B 192 -19.50 16.98 13.97
CA SER B 192 -20.59 17.14 14.94
C SER B 192 -20.09 17.12 16.38
N PRO B 193 -19.40 18.19 16.80
CA PRO B 193 -18.66 18.17 18.03
C PRO B 193 -19.48 18.09 19.33
N ASP B 194 -20.76 18.47 19.29
CA ASP B 194 -21.55 18.50 20.50
C ASP B 194 -22.44 17.29 20.59
N SER B 195 -22.30 16.40 19.62
CA SER B 195 -23.19 15.25 19.52
C SER B 195 -23.05 14.31 20.74
N ALA B 196 -21.89 14.32 21.40
CA ALA B 196 -21.70 13.49 22.56
C ALA B 196 -22.22 14.30 23.72
N LYS B 197 -23.27 13.80 24.36
CA LYS B 197 -24.02 14.57 25.37
C LYS B 197 -24.18 13.79 26.67
N CYS B 198 -24.20 14.53 27.80
CA CYS B 198 -24.39 13.93 29.10
C CYS B 198 -25.75 13.29 29.25
N SER B 199 -25.75 12.16 29.94
CA SER B 199 -26.95 11.43 30.22
C SER B 199 -27.90 12.35 30.98
N GLY B 200 -29.17 12.40 30.56
CA GLY B 200 -30.20 13.09 31.34
C GLY B 200 -30.20 14.60 31.20
N THR B 201 -29.01 15.20 31.04
CA THR B 201 -28.92 16.66 30.93
C THR B 201 -28.91 17.23 29.48
N ASN B 202 -28.61 16.40 28.48
CA ASN B 202 -28.49 16.89 27.10
C ASN B 202 -27.40 17.98 26.96
N THR B 203 -26.49 18.02 27.93
CA THR B 203 -25.39 18.97 27.92
C THR B 203 -24.23 18.33 27.16
N PRO B 204 -23.56 19.09 26.27
CA PRO B 204 -22.43 18.49 25.58
C PRO B 204 -21.32 18.08 26.52
N VAL B 205 -20.78 16.90 26.28
CA VAL B 205 -19.71 16.35 27.08
C VAL B 205 -18.51 17.29 27.10
N ARG B 206 -18.23 17.96 25.98
CA ARG B 206 -17.01 18.83 25.95
C ARG B 206 -17.07 20.09 26.80
N ALA B 207 -18.26 20.40 27.32
CA ALA B 207 -18.45 21.60 28.13
C ALA B 207 -18.52 21.28 29.61
N VAL B 208 -18.30 20.02 29.98
CA VAL B 208 -18.37 19.66 31.40
C VAL B 208 -17.18 20.25 32.15
N THR B 209 -17.47 20.78 33.34
CA THR B 209 -16.45 21.32 34.26
C THR B 209 -16.27 20.38 35.44
N GLU B 210 -15.11 20.47 36.07
CA GLU B 210 -14.85 19.74 37.28
C GLU B 210 -15.81 20.17 38.37
N ALA B 211 -16.33 21.40 38.25
CA ALA B 211 -17.20 21.98 39.27
C ALA B 211 -18.54 21.25 39.31
N SER B 212 -18.94 20.67 38.17
CA SER B 212 -20.16 19.86 38.14
C SER B 212 -20.02 18.36 38.48
N THR B 213 -18.80 17.90 38.74
CA THR B 213 -18.55 16.47 38.92
C THR B 213 -17.93 16.21 40.28
N SER B 214 -17.98 14.96 40.72
CA SER B 214 -17.51 14.57 42.05
C SER B 214 -17.01 13.12 42.05
N PRO B 215 -15.84 12.87 42.67
CA PRO B 215 -15.35 11.50 42.69
C PRO B 215 -16.30 10.57 43.40
N SER B 216 -17.16 11.15 44.23
CA SER B 216 -18.14 10.38 44.98
C SER B 216 -19.22 9.73 44.10
N LYS B 217 -19.39 10.21 42.85
CA LYS B 217 -20.43 9.69 41.95
C LYS B 217 -19.96 8.65 40.94
N CYS B 218 -18.77 8.11 41.20
CA CYS B 218 -18.05 7.20 40.30
C CYS B 218 -17.97 5.80 40.83
N PRO B 219 -17.60 4.85 39.95
CA PRO B 219 -17.26 3.47 40.30
C PRO B 219 -15.81 3.23 40.74
N ALA C 2 11.60 -12.59 20.69
CA ALA C 2 11.75 -13.62 19.64
C ALA C 2 12.76 -13.11 18.60
N CYS C 3 13.91 -13.75 18.51
CA CYS C 3 14.87 -13.30 17.54
C CYS C 3 15.91 -14.37 17.60
N PRO C 4 16.31 -14.89 16.45
CA PRO C 4 17.36 -15.89 16.52
C PRO C 4 18.59 -15.17 17.04
N SER C 5 19.36 -15.88 17.85
CA SER C 5 20.45 -15.31 18.61
C SER C 5 21.50 -14.69 17.70
N GLN C 6 21.59 -15.22 16.48
CA GLN C 6 22.60 -14.74 15.54
C GLN C 6 22.20 -13.40 14.85
N CYS C 7 20.88 -13.12 14.89
CA CYS C 7 20.31 -11.94 14.18
C CYS C 7 20.00 -10.69 15.04
N SER C 8 19.68 -9.60 14.36
CA SER C 8 19.12 -8.42 15.01
C SER C 8 17.68 -8.30 14.53
N CYS C 9 16.79 -7.99 15.47
CA CYS C 9 15.37 -7.83 15.18
C CYS C 9 14.73 -6.68 15.92
N SER C 10 14.06 -5.80 15.18
CA SER C 10 13.21 -4.79 15.81
C SER C 10 12.15 -4.46 14.85
N GLY C 11 11.03 -3.98 15.36
CA GLY C 11 9.80 -3.86 14.56
C GLY C 11 9.56 -5.12 13.75
N THR C 12 9.43 -4.98 12.44
CA THR C 12 9.07 -6.11 11.60
C THR C 12 10.22 -6.51 10.68
N GLU C 13 11.41 -6.10 11.03
CA GLU C 13 12.59 -6.36 10.24
C GLU C 13 13.55 -7.25 11.00
N VAL C 14 14.07 -8.27 10.28
CA VAL C 14 14.99 -9.23 10.82
C VAL C 14 16.21 -9.27 9.95
N ASN C 15 17.33 -8.92 10.58
CA ASN C 15 18.62 -8.87 9.95
C ASN C 15 19.54 -10.00 10.34
N CYS C 16 19.70 -10.97 9.44
CA CYS C 16 20.60 -12.09 9.66
C CYS C 16 21.74 -12.07 8.68
N ALA C 17 21.96 -10.91 8.04
CA ALA C 17 22.92 -10.76 6.94
C ALA C 17 24.35 -10.82 7.37
N GLY C 18 25.19 -11.47 6.56
CA GLY C 18 26.62 -11.52 6.82
C GLY C 18 27.01 -12.21 8.10
N LYS C 19 26.22 -13.20 8.51
CA LYS C 19 26.52 -13.85 9.76
C LYS C 19 27.09 -15.26 9.62
N SER C 20 27.68 -15.64 8.50
CA SER C 20 28.19 -17.03 8.37
C SER C 20 27.15 -18.14 8.69
N LEU C 21 25.87 -17.89 8.35
CA LEU C 21 24.80 -18.89 8.60
C LEU C 21 24.87 -20.01 7.58
N ALA C 22 24.73 -21.24 8.05
CA ALA C 22 24.72 -22.36 7.14
C ALA C 22 23.31 -22.91 6.91
N SER C 23 22.37 -22.49 7.76
CA SER C 23 20.98 -22.82 7.58
C SER C 23 20.11 -21.64 8.01
N VAL C 24 18.82 -21.63 7.63
CA VAL C 24 17.86 -20.63 8.10
C VAL C 24 17.57 -20.82 9.59
N PRO C 25 17.93 -19.83 10.44
CA PRO C 25 17.77 -20.01 11.89
C PRO C 25 16.31 -20.12 12.31
N ALA C 26 16.07 -20.76 13.46
CA ALA C 26 14.73 -20.82 14.04
C ALA C 26 14.44 -19.51 14.78
N GLY C 27 13.15 -19.23 14.99
CA GLY C 27 12.71 -18.11 15.83
C GLY C 27 12.56 -16.78 15.11
N ILE C 28 12.44 -16.84 13.78
CA ILE C 28 12.09 -15.65 13.01
C ILE C 28 10.61 -15.40 13.30
N PRO C 29 10.27 -14.20 13.82
CA PRO C 29 8.89 -13.89 14.18
C PRO C 29 7.89 -13.98 13.01
N THR C 30 6.70 -14.40 13.36
CA THR C 30 5.59 -14.55 12.41
C THR C 30 5.22 -13.20 11.79
N THR C 31 5.49 -12.13 12.52
CA THR C 31 5.12 -10.81 12.13
C THR C 31 6.15 -10.14 11.15
N THR C 32 7.24 -10.84 10.85
CA THR C 32 8.35 -10.31 10.03
C THR C 32 7.86 -9.93 8.64
N ARG C 33 8.20 -8.71 8.25
CA ARG C 33 7.92 -8.19 6.89
C ARG C 33 9.16 -8.16 6.01
N VAL C 34 10.31 -7.83 6.61
CA VAL C 34 11.55 -7.69 5.83
C VAL C 34 12.57 -8.62 6.49
N LEU C 35 13.09 -9.55 5.70
CA LEU C 35 13.96 -10.56 6.15
C LEU C 35 15.24 -10.56 5.34
N TYR C 36 16.33 -10.20 6.02
CA TYR C 36 17.63 -10.25 5.40
C TYR C 36 18.37 -11.52 5.80
N LEU C 37 18.53 -12.43 4.84
CA LEU C 37 19.30 -13.67 5.05
C LEU C 37 20.45 -13.72 4.11
N ASN C 38 20.72 -12.60 3.47
CA ASN C 38 21.70 -12.58 2.42
C ASN C 38 23.14 -12.65 2.96
N SER C 39 24.09 -12.89 2.06
CA SER C 39 25.52 -12.92 2.32
C SER C 39 25.86 -13.84 3.45
N ASN C 40 25.30 -15.04 3.41
CA ASN C 40 25.62 -16.12 4.37
C ASN C 40 26.18 -17.34 3.62
N GLN C 41 26.07 -18.53 4.19
CA GLN C 41 26.58 -19.74 3.49
C GLN C 41 25.51 -20.80 3.53
N ILE C 42 24.26 -20.39 3.28
CA ILE C 42 23.13 -21.29 3.37
C ILE C 42 23.15 -22.15 2.11
N THR C 43 23.03 -23.46 2.31
CA THR C 43 23.26 -24.39 1.22
C THR C 43 21.93 -25.01 0.80
N LYS C 44 20.92 -24.91 1.66
CA LYS C 44 19.57 -25.43 1.34
C LYS C 44 18.45 -24.84 2.20
N LEU C 45 17.23 -24.93 1.66
CA LEU C 45 16.04 -24.55 2.39
C LEU C 45 15.23 -25.78 2.67
N GLU C 46 14.70 -25.87 3.88
CA GLU C 46 13.87 -27.00 4.23
C GLU C 46 12.51 -26.73 3.61
N PRO C 47 11.83 -27.79 3.13
CA PRO C 47 10.47 -27.55 2.71
C PRO C 47 9.69 -27.07 3.91
N GLY C 48 8.82 -26.08 3.69
CA GLY C 48 8.11 -25.51 4.83
C GLY C 48 8.82 -24.45 5.68
N VAL C 49 10.08 -24.15 5.38
CA VAL C 49 10.86 -23.15 6.16
C VAL C 49 10.15 -21.78 6.26
N PHE C 50 9.44 -21.39 5.21
CA PHE C 50 8.75 -20.11 5.20
C PHE C 50 7.26 -20.22 5.33
N ASP C 51 6.73 -21.40 5.66
CA ASP C 51 5.26 -21.62 5.63
C ASP C 51 4.58 -20.76 6.64
N ARG C 52 5.37 -20.43 7.62
CA ARG C 52 4.83 -19.75 8.73
C ARG C 52 4.99 -18.24 8.58
N LEU C 53 5.72 -17.76 7.54
CA LEU C 53 6.14 -16.35 7.43
C LEU C 53 5.29 -15.58 6.42
N ALA C 54 3.98 -15.74 6.59
CA ALA C 54 3.02 -15.24 5.67
C ALA C 54 3.10 -13.72 5.46
N ASN C 55 3.72 -13.00 6.38
CA ASN C 55 3.67 -11.57 6.33
C ASN C 55 4.79 -10.89 5.54
N LEU C 56 5.72 -11.69 5.04
CA LEU C 56 6.86 -11.17 4.34
C LEU C 56 6.50 -10.31 3.14
N ARG C 57 7.15 -9.18 3.07
CA ARG C 57 7.11 -8.27 1.91
C ARG C 57 8.38 -8.37 1.16
N GLU C 58 9.50 -8.55 1.86
CA GLU C 58 10.82 -8.66 1.18
C GLU C 58 11.55 -9.84 1.74
N LEU C 59 12.03 -10.69 0.83
CA LEU C 59 12.86 -11.78 1.18
C LEU C 59 14.20 -11.66 0.51
N HIS C 60 15.23 -11.38 1.31
CA HIS C 60 16.57 -11.25 0.75
C HIS C 60 17.38 -12.50 0.98
N LEU C 61 17.49 -13.33 -0.06
CA LEU C 61 18.32 -14.56 0.00
C LEU C 61 19.59 -14.47 -0.86
N TRP C 62 19.92 -13.29 -1.35
CA TRP C 62 21.01 -13.22 -2.29
C TRP C 62 22.39 -13.48 -1.60
N GLY C 63 23.33 -14.01 -2.39
CA GLY C 63 24.71 -14.25 -1.92
C GLY C 63 24.79 -15.40 -0.93
N ASN C 64 24.04 -16.45 -1.19
CA ASN C 64 24.16 -17.66 -0.42
C ASN C 64 24.67 -18.78 -1.31
N GLN C 65 24.46 -20.01 -0.86
CA GLN C 65 25.03 -21.13 -1.62
C GLN C 65 23.94 -22.04 -2.13
N LEU C 66 22.73 -21.57 -2.46
CA LEU C 66 21.64 -22.51 -2.68
C LEU C 66 21.87 -23.25 -4.00
N VAL C 67 21.71 -24.57 -3.97
CA VAL C 67 21.86 -25.34 -5.19
C VAL C 67 20.55 -25.79 -5.78
N SER C 68 19.50 -25.85 -4.95
CA SER C 68 18.14 -26.09 -5.44
C SER C 68 17.15 -25.43 -4.51
N LEU C 69 15.89 -25.38 -4.93
CA LEU C 69 14.82 -24.81 -4.13
C LEU C 69 13.71 -25.81 -4.07
N PRO C 70 13.15 -26.07 -2.88
CA PRO C 70 12.07 -27.05 -2.85
C PRO C 70 10.88 -26.51 -3.58
N PRO C 71 10.12 -27.39 -4.28
CA PRO C 71 8.86 -26.93 -4.86
C PRO C 71 7.93 -26.46 -3.74
N GLY C 72 7.19 -25.38 -4.00
CA GLY C 72 6.23 -24.86 -3.02
C GLY C 72 6.79 -23.96 -1.93
N VAL C 73 8.11 -23.80 -1.88
CA VAL C 73 8.75 -23.17 -0.73
C VAL C 73 8.26 -21.72 -0.48
N PHE C 74 7.81 -21.04 -1.55
CA PHE C 74 7.30 -19.67 -1.44
C PHE C 74 5.77 -19.59 -1.43
N ASP C 75 5.10 -20.73 -1.38
CA ASP C 75 3.64 -20.80 -1.62
C ASP C 75 2.79 -20.05 -0.59
N ASN C 76 3.21 -19.97 0.67
CA ASN C 76 2.52 -19.13 1.66
C ASN C 76 2.86 -17.61 1.59
N LEU C 77 3.73 -17.20 0.68
CA LEU C 77 4.16 -15.79 0.71
C LEU C 77 3.31 -14.89 -0.14
N ALA C 78 2.01 -14.82 0.17
CA ALA C 78 1.07 -14.12 -0.72
C ALA C 78 1.29 -12.62 -0.73
N ASN C 79 1.93 -12.10 0.32
CA ASN C 79 2.22 -10.63 0.39
C ASN C 79 3.55 -10.17 -0.21
N LEU C 80 4.34 -11.15 -0.64
CA LEU C 80 5.71 -10.88 -1.02
C LEU C 80 5.77 -9.93 -2.17
N GLU C 81 6.60 -8.93 -2.01
CA GLU C 81 6.81 -7.83 -3.01
C GLU C 81 8.20 -7.87 -3.62
N LYS C 82 9.19 -8.30 -2.86
CA LYS C 82 10.55 -8.39 -3.40
C LYS C 82 11.15 -9.72 -3.06
N LEU C 83 11.63 -10.41 -4.09
CA LEU C 83 12.31 -11.68 -3.91
C LEU C 83 13.70 -11.65 -4.53
N TRP C 84 14.74 -11.61 -3.70
CA TRP C 84 16.11 -11.61 -4.18
C TRP C 84 16.80 -12.96 -3.97
N LEU C 85 17.00 -13.68 -5.08
CA LEU C 85 17.76 -14.92 -5.13
C LEU C 85 19.11 -14.85 -5.81
N ASN C 86 19.54 -13.66 -6.24
CA ASN C 86 20.83 -13.45 -6.93
C ASN C 86 22.05 -14.04 -6.26
N SER C 87 23.02 -14.50 -7.04
CA SER C 87 24.29 -14.98 -6.52
C SER C 87 24.16 -16.17 -5.58
N ASN C 88 23.34 -17.12 -5.96
CA ASN C 88 23.32 -18.38 -5.31
C ASN C 88 23.91 -19.33 -6.28
N GLN C 89 23.65 -20.61 -6.12
CA GLN C 89 24.23 -21.49 -7.13
C GLN C 89 23.25 -22.33 -7.88
N LEU C 90 22.10 -21.77 -8.20
CA LEU C 90 21.04 -22.57 -8.81
C LEU C 90 21.36 -22.84 -10.26
N THR C 91 20.96 -24.01 -10.73
CA THR C 91 21.13 -24.45 -12.09
C THR C 91 19.74 -24.59 -12.72
N SER C 92 18.69 -24.53 -11.88
CA SER C 92 17.29 -24.68 -12.33
C SER C 92 16.31 -24.19 -11.25
N LEU C 93 15.05 -24.10 -11.64
CA LEU C 93 13.96 -23.69 -10.78
C LEU C 93 12.81 -24.64 -11.01
N PRO C 94 12.21 -25.18 -9.92
CA PRO C 94 11.04 -26.05 -10.09
C PRO C 94 9.87 -25.33 -10.76
N ALA C 95 9.05 -26.09 -11.46
CA ALA C 95 7.87 -25.53 -12.05
C ALA C 95 6.94 -25.10 -10.94
N GLY C 96 6.28 -23.98 -11.19
CA GLY C 96 5.32 -23.38 -10.23
C GLY C 96 5.90 -22.64 -9.05
N LEU C 97 7.23 -22.54 -8.98
CA LEU C 97 7.88 -21.82 -7.89
C LEU C 97 7.26 -20.51 -7.42
N PHE C 98 6.92 -19.64 -8.39
CA PHE C 98 6.47 -18.29 -8.16
C PHE C 98 4.97 -18.10 -8.29
N ASP C 99 4.19 -19.17 -8.51
CA ASP C 99 2.77 -19.01 -8.91
C ASP C 99 1.87 -18.34 -7.87
N ARG C 100 2.25 -18.44 -6.62
CA ARG C 100 1.51 -17.83 -5.54
C ARG C 100 1.95 -16.42 -5.23
N LEU C 101 2.97 -15.93 -5.91
CA LEU C 101 3.48 -14.62 -5.59
C LEU C 101 2.79 -13.57 -6.41
N VAL C 102 1.48 -13.52 -6.31
CA VAL C 102 0.70 -12.62 -7.16
C VAL C 102 0.99 -11.15 -6.92
N ASN C 103 1.56 -10.80 -5.76
CA ASN C 103 1.89 -9.39 -5.51
C ASN C 103 3.35 -8.99 -5.76
N LEU C 104 4.13 -9.91 -6.32
CA LEU C 104 5.56 -9.68 -6.50
C LEU C 104 5.82 -8.58 -7.47
N GLU C 105 6.68 -7.67 -7.09
CA GLU C 105 7.07 -6.54 -7.92
C GLU C 105 8.51 -6.57 -8.37
N HIS C 106 9.37 -7.19 -7.56
CA HIS C 106 10.78 -7.33 -7.94
C HIS C 106 11.20 -8.78 -7.78
N LEU C 107 11.78 -9.35 -8.83
CA LEU C 107 12.33 -10.69 -8.80
C LEU C 107 13.79 -10.75 -9.33
N GLY C 108 14.71 -11.15 -8.45
CA GLY C 108 16.12 -11.18 -8.80
C GLY C 108 16.59 -12.60 -8.91
N LEU C 109 17.05 -12.94 -10.10
CA LEU C 109 17.54 -14.26 -10.38
C LEU C 109 18.92 -14.26 -11.11
N CYS C 110 19.79 -13.26 -10.88
CA CYS C 110 21.02 -13.14 -11.69
C CYS C 110 22.15 -13.91 -11.08
N CYS C 111 23.20 -14.04 -11.88
CA CYS C 111 24.48 -14.36 -11.29
C CYS C 111 24.47 -15.76 -10.66
N MET C 112 23.90 -16.72 -11.37
CA MET C 112 23.87 -18.10 -10.91
C MET C 112 24.22 -18.92 -12.11
N LYS C 113 23.75 -20.14 -12.13
CA LYS C 113 24.07 -21.01 -13.23
C LYS C 113 22.82 -21.57 -13.91
N LEU C 114 21.72 -20.84 -14.06
CA LEU C 114 20.49 -21.34 -14.65
C LEU C 114 20.71 -21.72 -16.09
N THR C 115 20.32 -22.93 -16.42
CA THR C 115 20.46 -23.40 -17.79
C THR C 115 19.14 -23.30 -18.56
N GLU C 116 18.02 -23.08 -17.87
CA GLU C 116 16.76 -22.83 -18.53
C GLU C 116 15.74 -22.30 -17.52
N LEU C 117 14.58 -21.92 -18.00
CA LEU C 117 13.51 -21.53 -17.09
C LEU C 117 12.38 -22.49 -17.38
N PRO C 118 11.64 -22.96 -16.37
CA PRO C 118 10.43 -23.78 -16.64
C PRO C 118 9.40 -23.00 -17.46
N SER C 119 8.57 -23.70 -18.24
CA SER C 119 7.72 -23.03 -19.26
C SER C 119 6.75 -21.98 -18.77
N GLY C 120 6.09 -22.21 -17.64
CA GLY C 120 5.12 -21.18 -17.20
C GLY C 120 5.59 -20.28 -16.06
N ALA C 121 6.91 -20.13 -15.94
CA ALA C 121 7.53 -19.60 -14.74
C ALA C 121 6.95 -18.30 -14.18
N PHE C 122 6.69 -17.36 -15.06
CA PHE C 122 6.23 -16.03 -14.67
C PHE C 122 4.75 -15.73 -14.95
N ASP C 123 3.96 -16.74 -15.32
CA ASP C 123 2.61 -16.50 -15.85
C ASP C 123 1.64 -15.89 -14.83
N LYS C 124 1.92 -16.03 -13.55
CA LYS C 124 1.04 -15.49 -12.54
C LYS C 124 1.51 -14.12 -12.03
N LEU C 125 2.65 -13.61 -12.50
CA LEU C 125 3.27 -12.42 -11.85
C LEU C 125 2.80 -11.14 -12.52
N THR C 126 1.50 -10.94 -12.38
CA THR C 126 0.82 -9.83 -13.03
C THR C 126 1.30 -8.47 -12.53
N ARG C 127 1.75 -8.40 -11.28
CA ARG C 127 2.30 -7.16 -10.82
C ARG C 127 3.81 -7.05 -11.05
N LEU C 128 4.53 -8.04 -11.59
CA LEU C 128 5.98 -7.93 -11.67
C LEU C 128 6.45 -6.72 -12.48
N LYS C 129 7.32 -5.88 -11.90
CA LYS C 129 7.87 -4.70 -12.59
C LYS C 129 9.30 -4.86 -13.03
N GLN C 130 10.09 -5.54 -12.19
CA GLN C 130 11.55 -5.70 -12.39
C GLN C 130 12.00 -7.14 -12.34
N LEU C 131 12.67 -7.57 -13.39
CA LEU C 131 13.08 -8.97 -13.47
C LEU C 131 14.51 -9.10 -13.92
N GLY C 132 15.31 -9.76 -13.08
CA GLY C 132 16.77 -9.87 -13.27
C GLY C 132 17.17 -11.27 -13.67
N LEU C 133 17.58 -11.45 -14.93
CA LEU C 133 17.99 -12.77 -15.41
C LEU C 133 19.45 -12.80 -15.90
N ASP C 134 20.18 -11.72 -15.67
CA ASP C 134 21.49 -11.58 -16.27
C ASP C 134 22.50 -12.50 -15.58
N GLN C 135 23.63 -12.77 -16.26
CA GLN C 135 24.73 -13.56 -15.71
C GLN C 135 24.33 -15.01 -15.28
N ASN C 136 23.69 -15.71 -16.20
CA ASN C 136 23.36 -17.11 -15.99
C ASN C 136 23.86 -17.93 -17.19
N GLN C 137 23.33 -19.13 -17.39
CA GLN C 137 23.75 -19.95 -18.53
C GLN C 137 22.55 -20.21 -19.45
N LEU C 138 21.73 -19.20 -19.65
CA LEU C 138 20.52 -19.34 -20.43
C LEU C 138 20.84 -19.25 -21.94
N LYS C 139 20.23 -20.18 -22.67
CA LYS C 139 20.42 -20.28 -24.11
C LYS C 139 19.18 -19.78 -24.86
N SER C 140 18.05 -19.83 -24.16
CA SER C 140 16.78 -19.44 -24.75
C SER C 140 15.75 -19.02 -23.68
N ILE C 141 14.70 -18.33 -24.10
CA ILE C 141 13.55 -18.09 -23.22
C ILE C 141 12.36 -18.81 -23.83
N PRO C 142 11.69 -19.69 -23.07
CA PRO C 142 10.49 -20.30 -23.61
C PRO C 142 9.50 -19.35 -24.27
N ASP C 143 8.87 -19.84 -25.32
CA ASP C 143 7.93 -19.10 -26.12
C ASP C 143 6.79 -18.63 -25.19
N GLY C 144 6.50 -17.35 -25.23
CA GLY C 144 5.41 -16.84 -24.42
C GLY C 144 5.79 -16.51 -22.99
N ALA C 145 7.05 -16.69 -22.61
CA ALA C 145 7.41 -16.59 -21.19
C ALA C 145 7.14 -15.22 -20.53
N PHE C 146 7.20 -14.14 -21.31
CA PHE C 146 6.99 -12.83 -20.79
C PHE C 146 5.60 -12.31 -21.17
N ALA C 147 4.76 -13.10 -21.81
CA ALA C 147 3.49 -12.58 -22.31
C ALA C 147 2.50 -12.19 -21.19
N ARG C 148 2.58 -12.81 -20.03
CA ARG C 148 1.71 -12.42 -18.94
C ARG C 148 2.41 -11.57 -17.89
N LEU C 149 3.25 -10.65 -18.34
CA LEU C 149 3.96 -9.71 -17.46
C LEU C 149 3.63 -8.28 -17.89
N PRO C 150 2.38 -7.88 -17.66
CA PRO C 150 1.92 -6.62 -18.15
C PRO C 150 2.46 -5.45 -17.37
N SER C 151 2.95 -5.67 -16.14
CA SER C 151 3.51 -4.55 -15.38
C SER C 151 5.03 -4.39 -15.48
N LEU C 152 5.63 -5.15 -16.36
CA LEU C 152 7.09 -5.21 -16.43
C LEU C 152 7.73 -3.94 -17.02
N THR C 153 8.67 -3.29 -16.32
CA THR C 153 9.26 -2.04 -16.82
C THR C 153 10.78 -2.11 -16.88
N HIS C 154 11.35 -3.12 -16.25
CA HIS C 154 12.81 -3.30 -16.20
C HIS C 154 13.18 -4.76 -16.29
N VAL C 155 14.05 -5.07 -17.24
CA VAL C 155 14.56 -6.41 -17.31
C VAL C 155 16.04 -6.42 -17.60
N TRP C 156 16.70 -7.45 -17.11
CA TRP C 156 18.13 -7.68 -17.34
C TRP C 156 18.35 -9.06 -17.97
N LEU C 157 19.04 -9.05 -19.11
CA LEU C 157 19.23 -10.28 -19.92
C LEU C 157 20.68 -10.54 -20.28
N HIS C 158 21.57 -9.58 -19.99
CA HIS C 158 22.92 -9.67 -20.43
C HIS C 158 23.69 -10.79 -19.77
N THR C 159 24.79 -11.07 -20.45
CA THR C 159 25.74 -12.04 -19.99
C THR C 159 25.07 -13.39 -19.83
N ASN C 160 24.37 -13.80 -20.89
CA ASN C 160 23.89 -15.19 -21.03
C ASN C 160 24.36 -15.70 -22.38
N PRO C 161 24.71 -16.99 -22.49
CA PRO C 161 25.15 -17.52 -23.80
C PRO C 161 23.95 -17.81 -24.71
N TRP C 162 23.22 -16.78 -25.09
CA TRP C 162 22.04 -16.95 -25.94
C TRP C 162 22.37 -17.70 -27.21
N ASP C 163 21.65 -18.78 -27.48
CA ASP C 163 21.92 -19.61 -28.67
C ASP C 163 21.10 -19.10 -29.86
N CYS C 164 21.67 -18.15 -30.59
CA CYS C 164 20.99 -17.54 -31.71
C CYS C 164 20.98 -18.33 -33.02
N GLN C 165 21.69 -19.44 -33.09
CA GLN C 165 21.55 -20.26 -34.27
C GLN C 165 20.26 -21.14 -34.19
N CYS C 166 19.80 -21.40 -32.97
CA CYS C 166 18.63 -22.24 -32.77
C CYS C 166 17.30 -21.48 -32.87
N THR C 167 16.34 -22.06 -33.59
CA THR C 167 15.04 -21.40 -33.81
C THR C 167 14.31 -20.93 -32.51
N ASP C 168 14.55 -21.61 -31.40
CA ASP C 168 14.06 -21.23 -30.08
C ASP C 168 14.31 -19.81 -29.60
N ILE C 169 15.37 -19.19 -30.11
CA ILE C 169 15.71 -17.83 -29.77
C ILE C 169 14.76 -16.78 -30.34
N LEU C 170 13.97 -17.17 -31.33
CA LEU C 170 13.14 -16.16 -32.03
C LEU C 170 12.08 -15.51 -31.14
N TYR C 171 11.52 -16.24 -30.17
CA TYR C 171 10.63 -15.55 -29.24
C TYR C 171 11.34 -14.32 -28.62
N LEU C 172 12.50 -14.58 -28.00
CA LEU C 172 13.20 -13.60 -27.24
C LEU C 172 13.67 -12.51 -28.15
N SER C 173 14.19 -12.87 -29.30
CA SER C 173 14.78 -11.90 -30.20
C SER C 173 13.72 -10.93 -30.70
N GLY C 174 12.54 -11.45 -31.07
CA GLY C 174 11.40 -10.57 -31.39
C GLY C 174 10.88 -9.76 -30.19
N TRP C 175 10.75 -10.42 -29.03
CA TRP C 175 10.41 -9.69 -27.79
C TRP C 175 11.36 -8.52 -27.45
N VAL C 176 12.67 -8.74 -27.50
CA VAL C 176 13.63 -7.71 -27.13
C VAL C 176 13.50 -6.53 -28.09
N ALA C 177 13.30 -6.81 -29.37
CA ALA C 177 13.09 -5.77 -30.42
C ALA C 177 11.88 -4.86 -30.09
N GLN C 178 10.81 -5.49 -29.69
CA GLN C 178 9.62 -4.79 -29.31
C GLN C 178 9.67 -4.13 -27.89
N HIS C 179 10.43 -4.68 -26.95
CA HIS C 179 10.45 -4.13 -25.54
C HIS C 179 11.79 -3.65 -25.13
N SER C 180 12.43 -3.15 -26.11
CA SER C 180 13.72 -2.64 -26.06
C SER C 180 13.96 -1.44 -25.11
N SER C 181 12.97 -0.62 -24.83
CA SER C 181 13.14 0.45 -23.84
C SER C 181 13.35 -0.04 -22.40
N ILE C 182 12.98 -1.29 -22.13
CA ILE C 182 13.03 -1.81 -20.77
C ILE C 182 14.24 -2.70 -20.46
N VAL C 183 15.01 -3.02 -21.50
CA VAL C 183 16.19 -3.85 -21.38
C VAL C 183 17.41 -3.03 -20.93
N GLY C 184 18.03 -3.50 -19.84
CA GLY C 184 19.12 -2.75 -19.27
C GLY C 184 20.18 -3.51 -18.54
N GLU C 185 21.00 -2.75 -17.79
CA GLU C 185 22.06 -3.30 -16.94
C GLU C 185 22.33 -2.42 -15.70
N GLY C 186 23.12 -2.96 -14.79
CA GLY C 186 23.55 -2.25 -13.59
C GLY C 186 22.52 -2.24 -12.49
N TRP C 187 22.88 -1.58 -11.40
CA TRP C 187 21.99 -1.47 -10.24
C TRP C 187 22.14 -0.08 -9.60
N PRO C 188 21.08 0.73 -9.60
CA PRO C 188 19.79 0.52 -10.25
C PRO C 188 19.93 0.40 -11.79
N TRP C 189 18.84 -0.07 -12.42
CA TRP C 189 18.77 -0.31 -13.87
C TRP C 189 19.27 0.89 -14.64
N ARG C 190 20.02 0.68 -15.71
CA ARG C 190 20.29 1.73 -16.71
C ARG C 190 19.93 1.17 -18.08
N HIS C 191 19.46 2.02 -19.00
CA HIS C 191 18.95 1.56 -20.30
C HIS C 191 20.11 0.98 -21.08
N SER C 192 19.94 -0.22 -21.63
CA SER C 192 21.05 -0.88 -22.32
C SER C 192 20.52 -1.96 -23.27
N PRO C 193 19.84 -1.54 -24.37
CA PRO C 193 19.05 -2.46 -25.21
C PRO C 193 19.81 -3.49 -26.03
N ASP C 194 21.11 -3.27 -26.25
CA ASP C 194 21.91 -4.26 -27.00
C ASP C 194 22.69 -5.27 -26.18
N SER C 195 22.46 -5.20 -24.86
CA SER C 195 23.30 -5.89 -23.90
C SER C 195 23.02 -7.40 -23.94
N ALA C 196 21.91 -7.79 -24.55
CA ALA C 196 21.66 -9.20 -24.76
C ALA C 196 22.30 -9.65 -26.08
N LYS C 197 23.29 -10.53 -26.00
CA LYS C 197 24.13 -10.80 -27.17
C LYS C 197 24.22 -12.28 -27.41
N CYS C 198 24.33 -12.63 -28.69
CA CYS C 198 24.42 -14.04 -29.09
C CYS C 198 25.71 -14.63 -28.63
N SER C 199 25.68 -15.89 -28.28
CA SER C 199 26.89 -16.62 -27.90
C SER C 199 27.77 -16.85 -29.14
N GLY C 200 29.09 -16.76 -28.97
CA GLY C 200 30.00 -17.03 -30.09
C GLY C 200 30.13 -15.91 -31.14
N THR C 201 29.02 -15.31 -31.56
CA THR C 201 29.07 -14.22 -32.54
C THR C 201 29.15 -12.85 -31.87
N ASN C 202 28.84 -12.85 -30.56
CA ASN C 202 28.72 -11.61 -29.77
C ASN C 202 27.92 -10.47 -30.48
N THR C 203 26.99 -10.85 -31.39
CA THR C 203 26.04 -9.96 -32.08
C THR C 203 24.72 -9.82 -31.30
N PRO C 204 23.92 -8.75 -31.52
CA PRO C 204 22.71 -8.55 -30.67
C PRO C 204 21.62 -9.58 -30.93
N VAL C 205 20.98 -10.07 -29.86
CA VAL C 205 19.85 -11.00 -29.95
C VAL C 205 18.69 -10.28 -30.68
N ARG C 206 18.55 -9.00 -30.40
CA ARG C 206 17.51 -8.16 -31.03
C ARG C 206 17.55 -8.12 -32.57
N ALA C 207 18.66 -8.58 -33.17
CA ALA C 207 18.87 -8.42 -34.62
C ALA C 207 18.85 -9.71 -35.36
N VAL C 208 18.61 -10.80 -34.65
CA VAL C 208 18.59 -12.13 -35.24
C VAL C 208 17.34 -12.28 -36.10
N THR C 209 17.54 -12.89 -37.26
CA THR C 209 16.44 -13.14 -38.21
C THR C 209 16.16 -14.62 -38.25
N GLU C 210 14.95 -14.94 -38.71
CA GLU C 210 14.54 -16.33 -38.93
C GLU C 210 15.45 -17.03 -39.96
N ALA C 211 15.91 -16.26 -40.94
CA ALA C 211 16.77 -16.77 -42.00
C ALA C 211 18.09 -17.31 -41.43
N SER C 212 18.63 -16.63 -40.43
CA SER C 212 19.90 -17.00 -39.86
C SER C 212 19.80 -18.12 -38.82
N THR C 213 18.58 -18.57 -38.53
CA THR C 213 18.39 -19.70 -37.59
C THR C 213 17.90 -20.91 -38.30
N SER C 214 18.03 -22.06 -37.63
CA SER C 214 17.61 -23.33 -38.19
C SER C 214 17.21 -24.30 -37.07
N PRO C 215 16.08 -25.00 -37.22
CA PRO C 215 15.66 -26.07 -36.32
C PRO C 215 16.77 -27.10 -36.02
N SER C 216 17.63 -27.31 -37.01
CA SER C 216 18.73 -28.25 -36.88
C SER C 216 19.77 -27.82 -35.83
N LYS C 217 19.79 -26.54 -35.46
CA LYS C 217 20.75 -26.05 -34.46
C LYS C 217 20.23 -26.17 -33.01
N CYS C 218 19.04 -26.75 -32.85
CA CYS C 218 18.42 -26.86 -31.55
C CYS C 218 18.74 -28.20 -30.93
N PRO C 219 19.20 -28.19 -29.67
CA PRO C 219 19.36 -29.43 -28.89
C PRO C 219 18.12 -29.78 -28.04
N ALA D 2 9.96 12.77 -21.31
CA ALA D 2 10.46 11.39 -21.57
C ALA D 2 11.43 10.97 -20.44
N CYS D 3 12.61 11.60 -20.42
CA CYS D 3 13.70 11.25 -19.55
C CYS D 3 14.71 12.36 -19.64
N PRO D 4 15.35 12.72 -18.51
CA PRO D 4 16.43 13.68 -18.68
C PRO D 4 17.52 13.03 -19.46
N SER D 5 18.21 13.83 -20.25
CA SER D 5 19.23 13.38 -21.16
C SER D 5 20.28 12.49 -20.51
N GLN D 6 20.68 12.81 -19.29
CA GLN D 6 21.72 12.02 -18.67
C GLN D 6 21.25 10.70 -18.01
N CYS D 7 19.97 10.70 -17.63
CA CYS D 7 19.37 9.60 -16.87
C CYS D 7 18.79 8.45 -17.69
N SER D 8 18.45 7.37 -16.97
CA SER D 8 17.68 6.26 -17.50
C SER D 8 16.33 6.33 -16.82
N CYS D 9 15.28 6.24 -17.64
CA CYS D 9 13.92 6.20 -17.16
C CYS D 9 13.14 5.04 -17.76
N SER D 10 12.46 4.26 -16.93
CA SER D 10 11.45 3.32 -17.42
C SER D 10 10.45 3.14 -16.32
N GLY D 11 9.20 2.93 -16.72
CA GLY D 11 8.14 2.79 -15.75
C GLY D 11 8.12 4.05 -14.92
N THR D 12 8.08 3.91 -13.62
CA THR D 12 7.97 5.08 -12.74
C THR D 12 9.26 5.35 -11.99
N GLU D 13 10.35 4.78 -12.50
CA GLU D 13 11.67 4.89 -11.84
C GLU D 13 12.58 5.72 -12.73
N VAL D 14 13.25 6.71 -12.16
CA VAL D 14 14.20 7.57 -12.87
C VAL D 14 15.52 7.51 -12.20
N ASN D 15 16.54 7.08 -12.94
CA ASN D 15 17.85 6.85 -12.34
C ASN D 15 18.80 7.88 -12.92
N CYS D 16 19.15 8.87 -12.10
CA CYS D 16 20.14 9.88 -12.44
C CYS D 16 21.40 9.71 -11.58
N ALA D 17 21.57 8.55 -10.95
CA ALA D 17 22.65 8.35 -9.97
C ALA D 17 24.04 8.31 -10.64
N GLY D 18 25.02 8.89 -9.96
CA GLY D 18 26.43 8.86 -10.41
C GLY D 18 26.72 9.53 -11.75
N LYS D 19 26.05 10.62 -12.06
CA LYS D 19 26.13 11.18 -13.40
C LYS D 19 26.84 12.51 -13.45
N SER D 20 27.61 12.79 -12.38
CA SER D 20 28.30 14.07 -12.24
C SER D 20 27.36 15.28 -12.41
N LEU D 21 26.13 15.15 -11.90
CA LEU D 21 25.16 16.23 -12.01
C LEU D 21 25.50 17.39 -11.06
N ALA D 22 25.40 18.63 -11.56
CA ALA D 22 25.55 19.81 -10.71
C ALA D 22 24.22 20.39 -10.24
N SER D 23 23.13 19.99 -10.90
CA SER D 23 21.79 20.43 -10.49
C SER D 23 20.76 19.33 -10.79
N VAL D 24 19.53 19.55 -10.37
CA VAL D 24 18.48 18.60 -10.64
C VAL D 24 17.99 18.80 -12.07
N PRO D 25 18.15 17.79 -12.91
CA PRO D 25 17.77 17.92 -14.33
C PRO D 25 16.29 18.19 -14.62
N ALA D 26 16.04 18.86 -15.74
CA ALA D 26 14.67 19.05 -16.26
C ALA D 26 14.17 17.77 -16.89
N GLY D 27 12.84 17.64 -16.95
CA GLY D 27 12.16 16.52 -17.63
C GLY D 27 11.90 15.25 -16.82
N ILE D 28 12.00 15.34 -15.50
CA ILE D 28 11.64 14.17 -14.65
C ILE D 28 10.11 14.05 -14.71
N PRO D 29 9.58 12.93 -15.28
CA PRO D 29 8.12 12.86 -15.41
C PRO D 29 7.40 12.96 -14.07
N THR D 30 6.20 13.52 -14.20
CA THR D 30 5.25 13.74 -13.13
C THR D 30 4.85 12.42 -12.42
N THR D 31 4.94 11.30 -13.15
CA THR D 31 4.48 10.01 -12.68
C THR D 31 5.59 9.27 -11.90
N THR D 32 6.78 9.86 -11.85
CA THR D 32 7.91 9.26 -11.12
C THR D 32 7.59 8.92 -9.66
N ARG D 33 7.90 7.69 -9.26
CA ARG D 33 7.70 7.24 -7.89
C ARG D 33 9.02 7.02 -7.17
N VAL D 34 10.02 6.52 -7.92
CA VAL D 34 11.34 6.26 -7.37
C VAL D 34 12.36 7.10 -8.15
N LEU D 35 13.03 8.03 -7.47
CA LEU D 35 13.92 8.95 -8.09
C LEU D 35 15.32 8.85 -7.46
N TYR D 36 16.26 8.35 -8.24
CA TYR D 36 17.66 8.28 -7.78
C TYR D 36 18.45 9.47 -8.28
N LEU D 37 18.81 10.37 -7.36
CA LEU D 37 19.63 11.55 -7.65
C LEU D 37 20.91 11.50 -6.84
N ASN D 38 21.14 10.37 -6.21
CA ASN D 38 22.27 10.18 -5.37
C ASN D 38 23.60 10.09 -6.12
N SER D 39 24.70 10.25 -5.38
CA SER D 39 26.06 10.18 -5.90
C SER D 39 26.34 11.13 -7.08
N ASN D 40 25.86 12.35 -6.96
CA ASN D 40 26.22 13.39 -7.92
C ASN D 40 26.99 14.51 -7.22
N GLN D 41 26.97 15.71 -7.82
CA GLN D 41 27.59 16.86 -7.21
C GLN D 41 26.59 17.97 -7.19
N ILE D 42 25.38 17.65 -6.75
CA ILE D 42 24.34 18.67 -6.62
C ILE D 42 24.59 19.56 -5.40
N THR D 43 24.65 20.87 -5.63
CA THR D 43 25.04 21.81 -4.59
C THR D 43 23.83 22.49 -3.97
N LYS D 44 22.74 22.55 -4.72
CA LYS D 44 21.53 23.21 -4.22
C LYS D 44 20.26 22.76 -4.91
N LEU D 45 19.12 23.05 -4.29
CA LEU D 45 17.83 22.71 -4.87
C LEU D 45 17.09 24.00 -5.00
N GLU D 46 16.56 24.21 -6.19
CA GLU D 46 15.61 25.30 -6.43
C GLU D 46 14.33 25.17 -5.56
N PRO D 47 13.86 26.28 -4.97
CA PRO D 47 12.54 26.13 -4.31
C PRO D 47 11.55 25.73 -5.39
N GLY D 48 10.67 24.78 -5.07
CA GLY D 48 9.71 24.32 -6.06
C GLY D 48 10.13 23.17 -6.97
N VAL D 49 11.39 22.74 -6.87
CA VAL D 49 11.98 21.73 -7.77
C VAL D 49 11.18 20.43 -7.74
N PHE D 50 10.58 20.11 -6.58
CA PHE D 50 9.79 18.87 -6.43
C PHE D 50 8.31 19.12 -6.34
N ASP D 51 7.86 20.33 -6.69
CA ASP D 51 6.45 20.67 -6.53
C ASP D 51 5.58 19.92 -7.51
N ARG D 52 6.14 19.61 -8.68
CA ARG D 52 5.42 18.85 -9.67
C ARG D 52 5.63 17.30 -9.52
N LEU D 53 6.25 16.85 -8.44
CA LEU D 53 6.58 15.40 -8.30
C LEU D 53 5.85 14.76 -7.12
N ALA D 54 4.54 14.93 -7.11
CA ALA D 54 3.70 14.53 -6.01
C ALA D 54 3.65 13.03 -5.81
N ASN D 55 4.07 12.28 -6.83
CA ASN D 55 3.87 10.84 -6.79
C ASN D 55 5.06 10.11 -6.21
N LEU D 56 6.13 10.84 -5.87
CA LEU D 56 7.31 10.25 -5.27
C LEU D 56 7.06 9.42 -4.05
N ARG D 57 7.65 8.26 -4.03
CA ARG D 57 7.58 7.39 -2.87
C ARG D 57 8.98 7.31 -2.26
N GLU D 58 10.00 7.33 -3.13
CA GLU D 58 11.37 7.27 -2.69
C GLU D 58 12.16 8.34 -3.32
N LEU D 59 12.82 9.15 -2.48
CA LEU D 59 13.66 10.22 -2.97
C LEU D 59 15.09 9.98 -2.46
N HIS D 60 15.98 9.55 -3.37
CA HIS D 60 17.36 9.31 -3.06
C HIS D 60 18.22 10.51 -3.44
N LEU D 61 18.51 11.33 -2.43
CA LEU D 61 19.39 12.47 -2.59
C LEU D 61 20.78 12.28 -1.90
N TRP D 62 21.09 11.09 -1.44
CA TRP D 62 22.31 10.91 -0.65
C TRP D 62 23.56 11.04 -1.49
N GLY D 63 24.66 11.44 -0.85
CA GLY D 63 25.98 11.57 -1.50
C GLY D 63 26.07 12.75 -2.48
N ASN D 64 25.51 13.88 -2.11
CA ASN D 64 25.59 15.10 -2.94
C ASN D 64 26.31 16.20 -2.15
N GLN D 65 26.20 17.43 -2.62
CA GLN D 65 26.89 18.54 -2.01
C GLN D 65 25.96 19.60 -1.43
N LEU D 66 24.80 19.20 -0.94
CA LEU D 66 23.81 20.15 -0.42
C LEU D 66 24.27 20.71 0.89
N VAL D 67 24.08 21.99 1.01
CA VAL D 67 24.54 22.63 2.18
C VAL D 67 23.34 23.20 2.95
N SER D 68 22.24 23.48 2.25
CA SER D 68 21.01 23.90 2.91
C SER D 68 19.88 23.37 2.06
N LEU D 69 18.67 23.53 2.58
CA LEU D 69 17.48 23.04 1.93
C LEU D 69 16.45 24.15 2.03
N PRO D 70 15.79 24.52 0.88
CA PRO D 70 14.76 25.52 0.99
C PRO D 70 13.63 25.07 1.89
N PRO D 71 13.07 26.00 2.68
CA PRO D 71 11.91 25.62 3.46
C PRO D 71 10.77 25.28 2.47
N GLY D 72 10.01 24.25 2.83
CA GLY D 72 8.87 23.89 2.03
C GLY D 72 9.22 23.03 0.83
N VAL D 73 10.49 22.69 0.67
CA VAL D 73 10.90 22.03 -0.56
C VAL D 73 10.30 20.63 -0.73
N PHE D 74 9.93 19.97 0.38
CA PHE D 74 9.28 18.64 0.32
C PHE D 74 7.76 18.69 0.54
N ASP D 75 7.20 19.89 0.55
CA ASP D 75 5.83 20.06 0.97
C ASP D 75 4.75 19.40 0.14
N ASN D 76 4.98 19.28 -1.16
CA ASN D 76 4.09 18.51 -2.04
C ASN D 76 4.28 16.99 -2.01
N LEU D 77 5.20 16.48 -1.20
CA LEU D 77 5.50 15.07 -1.32
C LEU D 77 4.71 14.21 -0.37
N ALA D 78 3.39 14.27 -0.51
CA ALA D 78 2.50 13.69 0.49
C ALA D 78 2.51 12.13 0.57
N ASN D 79 2.95 11.48 -0.50
CA ASN D 79 3.09 10.02 -0.55
C ASN D 79 4.47 9.47 -0.28
N LEU D 80 5.43 10.38 -0.02
CA LEU D 80 6.82 10.05 0.19
C LEU D 80 6.94 9.12 1.39
N GLU D 81 7.62 8.00 1.13
CA GLU D 81 7.80 6.90 2.09
C GLU D 81 9.27 6.78 2.56
N LYS D 82 10.22 7.13 1.70
CA LYS D 82 11.64 7.02 1.99
C LYS D 82 12.33 8.27 1.51
N LEU D 83 13.03 8.93 2.42
CA LEU D 83 13.78 10.13 2.12
C LEU D 83 15.24 9.93 2.56
N TRP D 84 16.17 9.85 1.62
CA TRP D 84 17.59 9.65 1.88
C TRP D 84 18.39 10.90 1.57
N LEU D 85 18.74 11.61 2.62
CA LEU D 85 19.59 12.78 2.55
C LEU D 85 21.02 12.57 3.04
N ASN D 86 21.40 11.35 3.38
CA ASN D 86 22.75 11.01 3.89
C ASN D 86 23.90 11.56 3.09
N SER D 87 25.00 11.92 3.76
CA SER D 87 26.23 12.37 3.11
C SER D 87 26.08 13.58 2.23
N ASN D 88 25.32 14.54 2.69
CA ASN D 88 25.34 15.86 2.10
C ASN D 88 26.14 16.75 3.05
N GLN D 89 26.16 18.06 2.84
CA GLN D 89 26.89 18.97 3.74
C GLN D 89 26.00 19.84 4.59
N LEU D 90 24.87 19.32 5.03
CA LEU D 90 23.95 20.16 5.80
C LEU D 90 24.44 20.39 7.23
N THR D 91 24.23 21.61 7.70
CA THR D 91 24.62 22.05 9.05
C THR D 91 23.34 22.36 9.84
N SER D 92 22.22 22.48 9.14
CA SER D 92 20.96 22.66 9.81
C SER D 92 19.79 22.20 8.93
N LEU D 93 18.59 22.15 9.53
CA LEU D 93 17.39 21.83 8.80
C LEU D 93 16.37 22.88 9.11
N PRO D 94 15.72 23.45 8.06
CA PRO D 94 14.71 24.48 8.31
C PRO D 94 13.56 23.96 9.16
N ALA D 95 12.94 24.82 9.94
CA ALA D 95 11.78 24.43 10.71
C ALA D 95 10.64 24.00 9.76
N GLY D 96 9.93 22.93 10.14
CA GLY D 96 8.80 22.40 9.34
C GLY D 96 9.21 21.59 8.12
N LEU D 97 10.47 21.37 7.90
CA LEU D 97 10.93 20.69 6.70
C LEU D 97 10.16 19.46 6.34
N PHE D 98 9.89 18.63 7.36
CA PHE D 98 9.28 17.34 7.17
C PHE D 98 7.77 17.28 7.45
N ASP D 99 7.15 18.41 7.80
CA ASP D 99 5.78 18.40 8.36
C ASP D 99 4.71 17.78 7.44
N ARG D 100 4.91 17.85 6.12
CA ARG D 100 3.92 17.28 5.14
C ARG D 100 4.12 15.81 4.84
N LEU D 101 5.25 15.29 5.30
CA LEU D 101 5.62 13.96 4.99
C LEU D 101 4.96 12.95 5.92
N VAL D 102 3.63 12.95 6.05
CA VAL D 102 2.94 12.17 7.08
C VAL D 102 2.99 10.66 6.83
N ASN D 103 3.35 10.29 5.60
CA ASN D 103 3.51 8.87 5.30
C ASN D 103 4.96 8.35 5.31
N LEU D 104 5.90 9.22 5.64
CA LEU D 104 7.32 8.86 5.68
C LEU D 104 7.53 7.73 6.69
N GLU D 105 8.24 6.72 6.21
CA GLU D 105 8.64 5.57 6.96
C GLU D 105 10.15 5.44 7.19
N HIS D 106 10.98 6.01 6.28
CA HIS D 106 12.44 5.96 6.47
C HIS D 106 13.05 7.33 6.19
N LEU D 107 13.86 7.79 7.12
CA LEU D 107 14.48 9.10 6.97
C LEU D 107 15.96 8.97 7.27
N GLY D 108 16.79 9.28 6.29
CA GLY D 108 18.22 9.20 6.43
C GLY D 108 18.86 10.56 6.48
N LEU D 109 19.49 10.86 7.62
CA LEU D 109 20.13 12.15 7.83
C LEU D 109 21.57 12.01 8.38
N CYS D 110 22.29 10.93 8.01
CA CYS D 110 23.58 10.70 8.58
C CYS D 110 24.69 11.46 7.84
N CYS D 111 25.84 11.48 8.50
CA CYS D 111 27.07 11.65 7.76
C CYS D 111 27.14 13.06 7.15
N MET D 112 26.62 14.06 7.84
CA MET D 112 26.70 15.48 7.41
C MET D 112 27.26 16.28 8.60
N LYS D 113 26.78 17.51 8.80
CA LYS D 113 27.39 18.40 9.82
C LYS D 113 26.33 19.04 10.67
N LEU D 114 25.22 18.35 10.88
CA LEU D 114 24.14 18.90 11.67
C LEU D 114 24.61 19.21 13.06
N THR D 115 24.39 20.43 13.53
CA THR D 115 24.85 20.79 14.85
C THR D 115 23.70 20.81 15.84
N GLU D 116 22.46 20.96 15.33
CA GLU D 116 21.27 20.73 16.15
C GLU D 116 20.06 20.37 15.28
N LEU D 117 18.95 20.02 15.94
CA LEU D 117 17.72 19.75 15.24
C LEU D 117 16.75 20.83 15.67
N PRO D 118 15.93 21.34 14.74
CA PRO D 118 14.88 22.30 15.18
C PRO D 118 13.85 21.61 16.09
N SER D 119 13.26 22.37 17.02
CA SER D 119 12.53 21.77 18.13
C SER D 119 11.36 20.85 17.78
N GLY D 120 10.58 21.21 16.75
CA GLY D 120 9.47 20.31 16.35
C GLY D 120 9.72 19.39 15.15
N ALA D 121 10.98 19.10 14.86
CA ALA D 121 11.35 18.56 13.53
C ALA D 121 10.54 17.34 13.10
N PHE D 122 10.32 16.41 14.03
CA PHE D 122 9.77 15.11 13.68
C PHE D 122 8.37 14.95 14.12
N ASP D 123 7.74 16.01 14.63
CA ASP D 123 6.41 15.90 15.29
C ASP D 123 5.29 15.31 14.44
N LYS D 124 5.39 15.45 13.13
CA LYS D 124 4.31 15.03 12.22
C LYS D 124 4.57 13.65 11.65
N LEU D 125 5.73 13.07 11.97
CA LEU D 125 6.08 11.81 11.29
C LEU D 125 5.57 10.59 12.04
N THR D 126 4.27 10.56 12.18
CA THR D 126 3.54 9.47 12.90
C THR D 126 3.89 8.05 12.43
N ARG D 127 4.25 7.91 11.18
CA ARG D 127 4.53 6.59 10.62
C ARG D 127 5.97 6.28 10.49
N LEU D 128 6.86 7.18 10.92
CA LEU D 128 8.31 6.96 10.77
C LEU D 128 8.73 5.72 11.51
N LYS D 129 9.39 4.80 10.81
CA LYS D 129 9.93 3.56 11.43
C LYS D 129 11.44 3.60 11.65
N GLN D 130 12.17 4.27 10.72
CA GLN D 130 13.62 4.22 10.71
C GLN D 130 14.18 5.59 10.61
N LEU D 131 15.03 5.96 11.56
CA LEU D 131 15.60 7.29 11.58
C LEU D 131 17.11 7.26 11.75
N GLY D 132 17.83 7.80 10.77
CA GLY D 132 19.31 7.86 10.80
C GLY D 132 19.89 9.24 11.14
N LEU D 133 20.47 9.37 12.32
CA LEU D 133 21.08 10.63 12.77
C LEU D 133 22.59 10.48 13.05
N ASP D 134 23.12 9.33 12.72
CA ASP D 134 24.53 9.02 13.06
C ASP D 134 25.49 9.91 12.24
N GLN D 135 26.71 10.10 12.77
CA GLN D 135 27.81 10.79 12.08
C GLN D 135 27.50 12.21 11.73
N ASN D 136 27.03 12.93 12.74
CA ASN D 136 26.82 14.37 12.63
C ASN D 136 27.61 15.11 13.70
N GLN D 137 27.21 16.34 14.00
CA GLN D 137 27.89 17.15 15.00
C GLN D 137 26.92 17.48 16.11
N LEU D 138 26.13 16.50 16.51
CA LEU D 138 25.10 16.74 17.47
C LEU D 138 25.62 16.58 18.87
N LYS D 139 25.25 17.52 19.73
CA LYS D 139 25.70 17.50 21.12
C LYS D 139 24.58 17.12 22.06
N SER D 140 23.34 17.25 21.56
CA SER D 140 22.13 17.07 22.34
C SER D 140 20.92 16.88 21.40
N ILE D 141 19.87 16.24 21.90
CA ILE D 141 18.58 16.22 21.22
C ILE D 141 17.55 17.06 22.02
N PRO D 142 16.78 17.94 21.35
CA PRO D 142 15.79 18.72 22.12
C PRO D 142 14.86 17.87 22.95
N ASP D 143 14.51 18.39 24.12
CA ASP D 143 13.56 17.79 25.00
C ASP D 143 12.27 17.48 24.24
N GLY D 144 11.81 16.24 24.41
CA GLY D 144 10.59 15.74 23.70
C GLY D 144 10.73 15.49 22.20
N ALA D 145 11.93 15.62 21.63
CA ALA D 145 12.08 15.53 20.14
C ALA D 145 11.52 14.24 19.48
N PHE D 146 11.52 13.14 20.22
CA PHE D 146 11.10 11.83 19.71
C PHE D 146 9.77 11.41 20.26
N ALA D 147 9.15 12.25 21.10
CA ALA D 147 7.86 11.93 21.68
C ALA D 147 6.72 11.64 20.70
N ARG D 148 6.66 12.32 19.56
CA ARG D 148 5.63 12.05 18.58
C ARG D 148 6.10 11.18 17.41
N LEU D 149 6.95 10.18 17.71
CA LEU D 149 7.37 9.16 16.74
C LEU D 149 6.98 7.81 17.26
N PRO D 150 5.68 7.54 17.30
CA PRO D 150 5.22 6.26 17.85
C PRO D 150 5.52 5.01 17.00
N SER D 151 5.87 5.14 15.72
CA SER D 151 6.07 3.93 14.85
C SER D 151 7.51 3.57 14.68
N LEU D 152 8.34 4.30 15.39
CA LEU D 152 9.78 4.19 15.26
C LEU D 152 10.30 2.85 15.81
N THR D 153 11.03 2.09 14.98
CA THR D 153 11.53 0.78 15.37
C THR D 153 13.06 0.69 15.21
N HIS D 154 13.68 1.70 14.61
CA HIS D 154 15.10 1.67 14.30
C HIS D 154 15.66 3.07 14.29
N VAL D 155 16.71 3.30 15.06
CA VAL D 155 17.32 4.59 15.13
C VAL D 155 18.83 4.43 15.23
N TRP D 156 19.55 5.37 14.59
CA TRP D 156 20.97 5.46 14.64
C TRP D 156 21.37 6.81 15.24
N LEU D 157 22.22 6.75 16.27
CA LEU D 157 22.67 7.95 17.03
C LEU D 157 24.18 8.04 17.21
N HIS D 158 24.88 6.99 16.82
CA HIS D 158 26.30 6.91 17.06
C HIS D 158 27.11 7.93 16.29
N THR D 159 28.34 8.10 16.74
CA THR D 159 29.28 8.97 16.08
C THR D 159 28.81 10.44 16.03
N ASN D 160 28.34 10.93 17.18
CA ASN D 160 28.05 12.33 17.40
C ASN D 160 28.75 12.66 18.66
N PRO D 161 29.29 13.89 18.75
CA PRO D 161 29.93 14.35 19.98
C PRO D 161 28.88 14.70 21.07
N TRP D 162 28.20 13.69 21.60
CA TRP D 162 27.24 13.92 22.68
C TRP D 162 27.89 14.60 23.85
N ASP D 163 27.35 15.72 24.30
CA ASP D 163 27.94 16.47 25.43
C ASP D 163 27.27 16.06 26.70
N CYS D 164 27.82 15.05 27.36
CA CYS D 164 27.15 14.46 28.54
C CYS D 164 27.40 15.18 29.86
N GLN D 165 28.27 16.19 29.84
CA GLN D 165 28.44 17.02 31.04
C GLN D 165 27.31 18.01 31.20
N CYS D 166 26.60 18.30 30.11
CA CYS D 166 25.56 19.31 30.15
C CYS D 166 24.17 18.70 30.40
N THR D 167 23.37 19.37 31.22
CA THR D 167 22.04 18.86 31.65
C THR D 167 21.07 18.56 30.48
N ASP D 168 21.30 19.21 29.34
CA ASP D 168 20.51 19.01 28.09
C ASP D 168 20.53 17.60 27.59
N ILE D 169 21.58 16.84 27.91
CA ILE D 169 21.74 15.47 27.42
C ILE D 169 20.74 14.48 28.11
N LEU D 170 20.05 14.94 29.14
CA LEU D 170 19.27 14.02 29.95
C LEU D 170 18.00 13.56 29.31
N TYR D 171 17.36 14.39 28.49
CA TYR D 171 16.28 13.86 27.64
C TYR D 171 16.75 12.64 26.84
N LEU D 172 17.78 12.83 26.02
CA LEU D 172 18.28 11.74 25.18
C LEU D 172 18.76 10.52 26.01
N SER D 173 19.48 10.74 27.10
CA SER D 173 20.06 9.64 27.84
C SER D 173 18.95 8.78 28.47
N GLY D 174 17.97 9.44 29.05
CA GLY D 174 16.74 8.80 29.46
C GLY D 174 16.02 8.08 28.32
N TRP D 175 15.86 8.75 27.19
CA TRP D 175 15.15 8.13 26.05
C TRP D 175 15.88 6.87 25.53
N VAL D 176 17.20 6.95 25.34
CA VAL D 176 17.97 5.82 24.87
C VAL D 176 17.83 4.66 25.86
N ALA D 177 17.87 4.91 27.16
CA ALA D 177 17.80 3.82 28.18
C ALA D 177 16.43 3.10 28.04
N GLN D 178 15.40 3.91 27.79
CA GLN D 178 14.04 3.42 27.68
C GLN D 178 13.75 2.69 26.36
N HIS D 179 14.40 3.11 25.26
CA HIS D 179 14.12 2.59 23.90
C HIS D 179 15.31 1.79 23.38
N SER D 180 16.00 1.16 24.32
CA SER D 180 17.24 0.45 24.06
C SER D 180 17.18 -0.50 22.92
N SER D 181 16.05 -1.17 22.79
CA SER D 181 15.93 -2.23 21.83
C SER D 181 15.99 -1.70 20.40
N ILE D 182 15.82 -0.39 20.19
CA ILE D 182 15.74 0.12 18.79
C ILE D 182 16.96 0.90 18.36
N VAL D 183 17.91 1.03 19.26
CA VAL D 183 19.13 1.80 18.95
C VAL D 183 20.20 0.93 18.35
N GLY D 184 20.73 1.35 17.21
CA GLY D 184 21.65 0.47 16.48
C GLY D 184 22.62 1.12 15.52
N GLU D 185 23.13 0.28 14.64
CA GLU D 185 24.29 0.66 13.87
C GLU D 185 24.27 -0.16 12.59
N GLY D 186 24.89 0.36 11.53
CA GLY D 186 25.12 -0.39 10.27
C GLY D 186 23.94 -0.29 9.30
N TRP D 187 24.07 -0.95 8.15
CA TRP D 187 23.02 -0.97 7.15
C TRP D 187 23.00 -2.37 6.49
N PRO D 188 21.91 -3.16 6.69
CA PRO D 188 20.74 -2.81 7.51
C PRO D 188 21.08 -2.71 8.99
N TRP D 189 20.19 -2.09 9.75
CA TRP D 189 20.37 -1.89 11.19
C TRP D 189 20.82 -3.14 11.92
N ARG D 190 21.77 -2.98 12.85
CA ARG D 190 22.06 -4.05 13.82
C ARG D 190 21.91 -3.51 15.25
N HIS D 191 21.34 -4.31 16.15
CA HIS D 191 21.20 -3.82 17.54
C HIS D 191 22.53 -3.33 18.15
N SER D 192 22.57 -2.12 18.67
CA SER D 192 23.83 -1.60 19.23
C SER D 192 23.53 -0.47 20.21
N PRO D 193 22.88 -0.80 21.33
CA PRO D 193 22.36 0.24 22.22
C PRO D 193 23.45 1.10 22.92
N ASP D 194 24.71 0.65 23.01
CA ASP D 194 25.75 1.48 23.62
C ASP D 194 26.57 2.28 22.59
N SER D 195 26.18 2.18 21.33
CA SER D 195 26.93 2.85 20.26
C SER D 195 26.90 4.38 20.40
N ALA D 196 25.86 4.90 21.04
CA ALA D 196 25.75 6.35 21.35
C ALA D 196 26.61 6.66 22.55
N LYS D 197 27.76 7.29 22.35
CA LYS D 197 28.70 7.49 23.44
C LYS D 197 28.94 8.97 23.70
N CYS D 198 29.17 9.29 24.98
CA CYS D 198 29.58 10.63 25.38
C CYS D 198 30.87 10.99 24.69
N SER D 199 30.96 12.20 24.19
CA SER D 199 32.20 12.55 23.51
C SER D 199 33.28 12.57 24.59
N GLY D 200 34.36 11.87 24.29
CA GLY D 200 35.47 11.74 25.25
C GLY D 200 35.45 10.71 26.37
N THR D 201 34.57 10.87 27.37
CA THR D 201 34.53 9.91 28.50
C THR D 201 34.25 8.50 28.01
N ASN D 202 33.68 8.39 26.80
CA ASN D 202 33.37 7.07 26.18
C ASN D 202 32.51 6.18 27.03
N THR D 203 31.61 6.86 27.70
CA THR D 203 30.60 6.27 28.47
C THR D 203 29.37 6.26 27.51
N PRO D 204 28.57 5.19 27.59
CA PRO D 204 27.37 5.16 26.78
C PRO D 204 26.41 6.23 27.29
N VAL D 205 25.77 6.93 26.35
CA VAL D 205 24.83 7.98 26.70
C VAL D 205 23.73 7.51 27.63
N ARG D 206 23.27 6.29 27.43
CA ARG D 206 22.11 5.79 28.18
C ARG D 206 22.45 5.53 29.63
N ALA D 207 23.73 5.52 29.95
CA ALA D 207 24.19 5.30 31.33
C ALA D 207 24.46 6.59 32.13
N VAL D 208 24.41 7.76 31.47
CA VAL D 208 24.51 9.07 32.13
C VAL D 208 23.44 9.30 33.24
N THR D 209 23.88 9.86 34.37
CA THR D 209 23.00 10.20 35.51
C THR D 209 22.98 11.70 35.66
N GLU D 210 21.91 12.20 36.28
CA GLU D 210 21.74 13.63 36.59
C GLU D 210 22.91 14.14 37.44
N ALA D 211 23.35 13.29 38.37
CA ALA D 211 24.47 13.61 39.26
C ALA D 211 25.77 13.99 38.52
N SER D 212 26.04 13.35 37.39
CA SER D 212 27.27 13.66 36.65
C SER D 212 27.12 14.89 35.76
N THR D 213 25.93 15.45 35.67
CA THR D 213 25.69 16.59 34.79
C THR D 213 25.48 17.88 35.59
N SER D 214 25.67 19.01 34.92
CA SER D 214 25.43 20.32 35.50
C SER D 214 24.96 21.36 34.46
N PRO D 215 23.95 22.18 34.81
CA PRO D 215 23.53 23.23 33.88
C PRO D 215 24.66 24.21 33.51
N SER D 216 25.73 24.26 34.30
CA SER D 216 26.85 25.19 34.08
C SER D 216 27.75 24.75 32.93
N LYS D 217 27.58 23.50 32.51
CA LYS D 217 28.39 22.93 31.43
C LYS D 217 27.71 23.01 30.07
N CYS D 218 26.63 23.78 29.98
CA CYS D 218 25.90 23.96 28.72
C CYS D 218 26.33 25.20 27.92
N PRO D 219 26.41 25.08 26.57
CA PRO D 219 26.81 26.24 25.75
C PRO D 219 25.62 27.05 25.22
O5 A2G E . -20.99 -0.85 7.56
C1 A2G E . -22.35 -0.64 7.99
O1 A2G E . -23.06 0.15 7.02
C2 A2G E . -22.38 0.09 9.31
N2 A2G E . -23.76 0.28 9.74
C3 A2G E . -21.77 1.45 9.05
O3 A2G E . -21.81 2.25 10.25
C4 A2G E . -20.36 1.31 8.46
O4 A2G E . -19.54 0.76 9.49
C5 A2G E . -20.29 0.36 7.26
C6 A2G E . -18.83 0.07 6.94
O6 A2G E . -18.65 -0.57 5.67
C7 A2G E . -24.31 -0.22 10.86
O7 A2G E . -23.67 -0.80 11.72
C8 A2G E . -25.79 -0.02 11.01
C1 GAL E . -21.26 3.40 10.59
C2 GAL E . -22.25 3.88 11.64
C3 GAL E . -21.69 5.14 12.24
C4 GAL E . -20.23 4.93 12.69
C5 GAL E . -19.35 4.22 11.65
C6 GAL E . -17.99 3.85 12.25
O2 GAL E . -23.43 4.23 10.97
O3 GAL E . -22.59 5.54 13.26
O4 GAL E . -20.20 4.19 13.88
O5 GAL E . -19.97 3.07 11.10
O6 GAL E . -18.09 2.69 13.06
O5 A2G F . 20.86 -6.74 -3.63
C1 A2G F . 22.25 -6.82 -3.93
O1 A2G F . 22.87 -5.54 -3.87
C2 A2G F . 22.37 -7.44 -5.33
N2 A2G F . 23.76 -7.61 -5.66
C3 A2G F . 21.63 -6.57 -6.36
O3 A2G F . 21.79 -7.20 -7.64
C4 A2G F . 20.16 -6.53 -5.94
O4 A2G F . 19.61 -7.85 -6.03
C5 A2G F . 20.06 -5.99 -4.51
C6 A2G F . 18.64 -6.04 -4.03
O6 A2G F . 18.49 -5.04 -3.06
C7 A2G F . 24.27 -8.69 -6.28
O7 A2G F . 25.30 -8.60 -6.93
C8 A2G F . 23.55 -10.01 -6.13
C1 GAL F . 21.23 -6.91 -8.82
C2 GAL F . 22.17 -7.40 -9.90
C3 GAL F . 21.74 -6.80 -11.22
C4 GAL F . 20.27 -7.17 -11.54
C5 GAL F . 19.39 -6.77 -10.33
C6 GAL F . 17.94 -7.28 -10.40
O2 GAL F . 23.43 -6.88 -9.50
O3 GAL F . 22.62 -7.18 -12.27
O4 GAL F . 20.16 -8.56 -11.84
O5 GAL F . 19.92 -7.33 -9.18
O6 GAL F . 17.85 -8.67 -10.13
O5 A2G G . 21.57 4.52 0.84
C1 A2G G . 23.00 4.44 0.88
O1 A2G G . 23.36 3.11 0.47
C2 A2G G . 23.35 4.77 2.34
N2 A2G G . 24.76 4.82 2.68
C3 A2G G . 22.69 3.72 3.27
O3 A2G G . 23.04 4.21 4.54
C4 A2G G . 21.16 3.70 3.08
O4 A2G G . 20.54 4.94 3.43
C5 A2G G . 20.92 3.47 1.59
C6 A2G G . 19.45 3.41 1.18
O6 A2G G . 19.43 3.95 -0.17
C7 A2G G . 25.58 5.88 2.68
O7 A2G G . 25.40 6.91 3.34
C8 A2G G . 26.79 5.69 1.77
C1 GAL G . 22.97 4.37 5.82
C2 GAL G . 24.11 4.68 6.77
C3 GAL G . 23.65 4.21 8.14
C4 GAL G . 22.24 4.74 8.52
C5 GAL G . 21.25 4.40 7.38
C6 GAL G . 19.83 4.89 7.59
O2 GAL G . 25.27 4.01 6.35
O3 GAL G . 24.63 4.61 9.04
O4 GAL G . 22.26 6.15 8.76
O5 GAL G . 21.69 4.94 6.18
O6 GAL G . 19.90 6.26 7.88
#